data_3JS4
#
_entry.id   3JS4
#
_cell.length_a   45.660
_cell.length_b   66.600
_cell.length_c   85.440
_cell.angle_alpha   102.090
_cell.angle_beta   104.830
_cell.angle_gamma   88.580
#
_symmetry.space_group_name_H-M   'P 1'
#
loop_
_entity.id
_entity.type
_entity.pdbx_description
1 polymer 'Superoxide dismutase'
2 non-polymer 'FE (III) ION'
3 non-polymer 'SODIUM ION'
4 water water
#
_entity_poly.entity_id   1
_entity_poly.type   'polypeptide(L)'
_entity_poly.pdbx_seq_one_letter_code
;MAHHHHHHMGTLEAQTQGPGSMFELSDLPYEGLEPYISSHLLDRHYNGHHKTYVDVLNKLVVGTEFEGLGNESLGDIVVK
AHNSGSAGRAIFNNAAQIWNHDFYWQSMKPNGGGNPPEKLREMIEHSFGSVEGFNNAFTTSGLGQFGSGWVWLVYDEDAK
ALKVVSTANADSPLLTQGQLPLATMDVWEHAYYLDYLNLRKKYIDVFLEHLLNWDFVLGRLEDAGVL
;
_entity_poly.pdbx_strand_id   A,B,C,D
#
# COMPACT_ATOMS: atom_id res chain seq x y z
N SER A 21 34.93 29.63 -22.89
CA SER A 21 35.68 28.44 -22.37
C SER A 21 35.79 28.29 -20.82
N MET A 22 34.92 28.99 -20.07
CA MET A 22 34.60 28.59 -18.68
C MET A 22 33.08 28.53 -18.47
N PHE A 23 32.63 27.77 -17.47
CA PHE A 23 31.21 27.77 -17.13
C PHE A 23 30.83 29.04 -16.38
N GLU A 24 29.61 29.52 -16.64
CA GLU A 24 29.14 30.76 -16.06
C GLU A 24 27.75 30.59 -15.50
N LEU A 25 27.43 31.44 -14.54
CA LEU A 25 26.06 31.51 -14.03
C LEU A 25 25.24 32.38 -15.00
N SER A 26 24.31 31.75 -15.71
CA SER A 26 23.48 32.45 -16.72
C SER A 26 22.43 33.34 -16.06
N ASP A 27 22.21 34.51 -16.64
CA ASP A 27 21.26 35.49 -16.11
C ASP A 27 19.87 34.88 -15.94
N LEU A 28 19.19 35.27 -14.87
CA LEU A 28 17.76 35.00 -14.74
C LEU A 28 16.93 35.64 -15.85
N PRO A 29 15.80 35.02 -16.24
CA PRO A 29 14.92 35.68 -17.21
C PRO A 29 14.08 36.83 -16.62
N TYR A 30 14.25 37.14 -15.33
CA TYR A 30 13.40 38.13 -14.65
C TYR A 30 14.20 38.64 -13.46
N GLU A 31 13.72 39.72 -12.83
CA GLU A 31 14.38 40.33 -11.67
C GLU A 31 14.01 39.63 -10.35
N GLY A 32 12.84 39.01 -10.32
CA GLY A 32 12.34 38.36 -9.10
C GLY A 32 11.00 37.69 -9.30
N LEU A 33 10.56 36.94 -8.29
CA LEU A 33 9.29 36.22 -8.32
C LEU A 33 8.44 36.45 -7.07
N GLU A 34 8.58 37.65 -6.49
CA GLU A 34 7.90 38.01 -5.23
C GLU A 34 6.38 38.15 -5.49
N PRO A 35 5.53 37.88 -4.48
CA PRO A 35 5.86 37.44 -3.13
C PRO A 35 6.00 35.91 -3.00
N TYR A 36 5.87 35.19 -4.11
CA TYR A 36 5.86 33.69 -4.13
C TYR A 36 7.20 33.02 -3.82
N ILE A 37 8.27 33.63 -4.28
CA ILE A 37 9.61 33.26 -3.90
C ILE A 37 10.21 34.57 -3.43
N SER A 38 10.62 34.62 -2.17
CA SER A 38 11.04 35.88 -1.59
C SER A 38 12.38 36.31 -2.17
N SER A 39 12.69 37.58 -2.00
CA SER A 39 13.95 38.10 -2.48
C SER A 39 15.16 37.32 -1.89
N HIS A 40 15.09 37.09 -0.57
CA HIS A 40 16.11 36.35 0.17
C HIS A 40 16.27 34.91 -0.36
N LEU A 41 15.15 34.24 -0.59
CA LEU A 41 15.20 32.86 -1.08
C LEU A 41 15.77 32.79 -2.49
N LEU A 42 15.34 33.71 -3.35
CA LEU A 42 15.86 33.73 -4.72
C LEU A 42 17.38 33.98 -4.71
N ASP A 43 17.79 34.90 -3.85
CA ASP A 43 19.21 35.26 -3.75
C ASP A 43 20.05 34.05 -3.31
N ARG A 44 19.64 33.41 -2.23
CA ARG A 44 20.37 32.26 -1.71
C ARG A 44 20.38 31.06 -2.68
N HIS A 45 19.26 30.80 -3.35
CA HIS A 45 19.17 29.65 -4.26
C HIS A 45 20.03 29.89 -5.49
N TYR A 46 19.93 31.10 -6.04
CA TYR A 46 20.62 31.45 -7.29
C TYR A 46 22.09 31.84 -7.08
N ASN A 47 22.34 32.87 -6.27
CA ASN A 47 23.73 33.34 -6.02
C ASN A 47 24.49 32.48 -5.00
N GLY A 48 23.77 31.61 -4.32
CA GLY A 48 24.37 30.66 -3.37
C GLY A 48 24.53 29.28 -4.03
N HIS A 49 23.43 28.54 -4.15
CA HIS A 49 23.50 27.13 -4.64
C HIS A 49 23.90 27.04 -6.10
N HIS A 50 23.19 27.75 -6.98
CA HIS A 50 23.44 27.64 -8.42
C HIS A 50 24.85 28.15 -8.77
N LYS A 51 25.21 29.33 -8.23
CA LYS A 51 26.58 29.86 -8.41
C LYS A 51 27.66 28.85 -7.96
N THR A 52 27.43 28.21 -6.81
CA THR A 52 28.43 27.26 -6.29
C THR A 52 28.65 26.05 -7.23
N TYR A 53 27.59 25.55 -7.84
CA TYR A 53 27.73 24.46 -8.82
C TYR A 53 28.62 24.85 -10.00
N VAL A 54 28.42 26.07 -10.48
CA VAL A 54 29.22 26.63 -11.55
C VAL A 54 30.71 26.70 -11.15
N ASP A 55 30.99 27.23 -9.97
CA ASP A 55 32.36 27.32 -9.45
C ASP A 55 33.01 25.93 -9.33
N VAL A 56 32.32 25.01 -8.67
CA VAL A 56 32.84 23.66 -8.46
C VAL A 56 33.15 22.97 -9.79
N LEU A 57 32.24 23.05 -10.75
CA LEU A 57 32.49 22.45 -12.08
C LEU A 57 33.73 23.01 -12.78
N ASN A 58 33.89 24.34 -12.75
CA ASN A 58 35.11 24.94 -13.25
C ASN A 58 36.36 24.34 -12.62
N LYS A 59 36.33 24.09 -11.30
CA LYS A 59 37.47 23.45 -10.61
C LYS A 59 37.69 21.99 -11.00
N LEU A 60 36.60 21.23 -11.14
CA LEU A 60 36.65 19.79 -11.45
C LEU A 60 37.09 19.40 -12.86
N VAL A 61 36.72 20.18 -13.87
CA VAL A 61 37.01 19.83 -15.28
C VAL A 61 38.47 20.01 -15.72
N VAL A 62 39.30 20.62 -14.87
CA VAL A 62 40.71 20.87 -15.21
C VAL A 62 41.43 19.57 -15.48
N GLY A 63 42.08 19.46 -16.65
CA GLY A 63 42.83 18.25 -17.03
C GLY A 63 41.96 17.14 -17.61
N THR A 64 40.67 17.42 -17.82
CA THR A 64 39.77 16.41 -18.38
C THR A 64 39.34 16.82 -19.78
N GLU A 65 38.63 15.92 -20.47
CA GLU A 65 38.10 16.20 -21.80
C GLU A 65 37.12 17.38 -21.82
N PHE A 66 36.63 17.77 -20.65
CA PHE A 66 35.66 18.87 -20.57
C PHE A 66 36.27 20.26 -20.32
N GLU A 67 37.57 20.34 -20.04
CA GLU A 67 38.24 21.63 -19.87
C GLU A 67 38.10 22.51 -21.12
N GLY A 68 37.79 23.80 -20.91
CA GLY A 68 37.66 24.76 -22.00
C GLY A 68 36.33 24.70 -22.72
N LEU A 69 35.41 23.86 -22.26
CA LEU A 69 34.04 23.83 -22.79
C LEU A 69 33.20 24.85 -22.04
N GLY A 70 32.10 25.26 -22.66
CA GLY A 70 31.24 26.29 -22.05
C GLY A 70 29.86 25.76 -21.77
N ASN A 71 28.95 26.65 -21.39
CA ASN A 71 27.59 26.26 -20.99
C ASN A 71 26.80 25.47 -22.05
N GLU A 72 27.09 25.72 -23.32
CA GLU A 72 26.39 25.05 -24.42
C GLU A 72 26.68 23.56 -24.46
N SER A 73 27.79 23.16 -23.83
CA SER A 73 28.16 21.75 -23.76
C SER A 73 27.56 21.04 -22.55
N LEU A 74 26.83 21.77 -21.70
CA LEU A 74 26.37 21.17 -20.43
C LEU A 74 25.59 19.86 -20.65
N GLY A 75 24.66 19.87 -21.60
CA GLY A 75 23.84 18.67 -21.90
C GLY A 75 24.71 17.47 -22.27
N ASP A 76 25.69 17.70 -23.15
CA ASP A 76 26.67 16.67 -23.54
C ASP A 76 27.52 16.14 -22.38
N ILE A 77 27.94 17.07 -21.51
CA ILE A 77 28.80 16.73 -20.37
C ILE A 77 28.04 15.84 -19.38
N VAL A 78 26.77 16.20 -19.13
CA VAL A 78 25.91 15.41 -18.25
C VAL A 78 25.89 13.94 -18.64
N VAL A 79 25.60 13.66 -19.92
CA VAL A 79 25.48 12.29 -20.37
C VAL A 79 26.84 11.58 -20.29
N LYS A 80 27.90 12.21 -20.79
CA LYS A 80 29.23 11.58 -20.80
C LYS A 80 29.78 11.29 -19.39
N ALA A 81 29.64 12.24 -18.48
CA ALA A 81 30.08 12.06 -17.11
C ALA A 81 29.30 10.95 -16.42
N HIS A 82 27.99 10.91 -16.64
CA HIS A 82 27.16 9.87 -16.06
C HIS A 82 27.64 8.49 -16.57
N ASN A 83 27.87 8.37 -17.87
CA ASN A 83 28.29 7.09 -18.46
C ASN A 83 29.65 6.62 -17.90
N SER A 84 30.47 7.57 -17.43
CA SER A 84 31.80 7.24 -16.90
C SER A 84 31.78 6.54 -15.53
N GLY A 85 30.65 6.56 -14.84
CA GLY A 85 30.58 5.95 -13.51
C GLY A 85 31.40 6.76 -12.48
N SER A 86 32.22 6.06 -11.69
CA SER A 86 32.93 6.68 -10.55
C SER A 86 33.82 7.84 -10.96
N ALA A 87 34.54 7.71 -12.08
CA ALA A 87 35.45 8.75 -12.59
C ALA A 87 34.71 10.05 -12.88
N GLY A 88 33.45 9.97 -13.30
CA GLY A 88 32.74 11.18 -13.72
C GLY A 88 31.66 11.69 -12.79
N ARG A 89 31.51 11.09 -11.60
CA ARG A 89 30.33 11.34 -10.76
C ARG A 89 30.24 12.77 -10.22
N ALA A 90 31.34 13.30 -9.72
CA ALA A 90 31.33 14.69 -9.23
C ALA A 90 31.06 15.66 -10.39
N ILE A 91 31.67 15.40 -11.54
CA ILE A 91 31.43 16.23 -12.71
C ILE A 91 29.96 16.14 -13.12
N PHE A 92 29.42 14.92 -13.15
CA PHE A 92 28.00 14.73 -13.42
C PHE A 92 27.10 15.50 -12.46
N ASN A 93 27.29 15.29 -11.16
CA ASN A 93 26.48 15.99 -10.15
C ASN A 93 26.44 17.50 -10.38
N ASN A 94 27.62 18.11 -10.62
CA ASN A 94 27.68 19.57 -10.78
C ASN A 94 27.15 20.10 -12.12
N ALA A 95 27.55 19.46 -13.23
CA ALA A 95 27.04 19.82 -14.56
C ALA A 95 25.53 19.67 -14.62
N ALA A 96 25.02 18.55 -14.08
CA ALA A 96 23.59 18.26 -14.09
C ALA A 96 22.85 19.28 -13.25
N GLN A 97 23.40 19.61 -12.08
CA GLN A 97 22.74 20.63 -11.26
C GLN A 97 22.73 22.00 -11.93
N ILE A 98 23.77 22.33 -12.70
CA ILE A 98 23.74 23.64 -13.39
C ILE A 98 22.65 23.62 -14.46
N TRP A 99 22.64 22.56 -15.26
CA TRP A 99 21.65 22.39 -16.34
C TRP A 99 20.23 22.40 -15.75
N ASN A 100 20.02 21.64 -14.67
CA ASN A 100 18.70 21.59 -14.03
C ASN A 100 18.21 22.95 -13.51
N HIS A 101 19.09 23.69 -12.84
CA HIS A 101 18.71 25.02 -12.34
C HIS A 101 18.43 26.00 -13.49
N ASP A 102 19.22 25.95 -14.56
CA ASP A 102 18.97 26.83 -15.72
C ASP A 102 17.53 26.53 -16.20
N PHE A 103 17.18 25.24 -16.28
CA PHE A 103 15.87 24.81 -16.77
C PHE A 103 14.77 25.26 -15.81
N TYR A 104 15.06 25.18 -14.51
CA TYR A 104 14.10 25.56 -13.47
C TYR A 104 13.75 27.03 -13.59
N TRP A 105 14.76 27.90 -13.74
CA TRP A 105 14.45 29.32 -13.82
C TRP A 105 13.59 29.65 -15.03
N GLN A 106 13.85 28.99 -16.16
CA GLN A 106 13.04 29.20 -17.37
C GLN A 106 11.61 28.64 -17.24
N SER A 107 11.44 27.71 -16.29
CA SER A 107 10.18 27.03 -16.03
C SER A 107 9.22 27.88 -15.18
N MET A 108 9.61 29.10 -14.86
CA MET A 108 8.77 29.98 -14.06
C MET A 108 8.83 31.36 -14.70
N LYS A 109 7.84 32.21 -14.37
CA LYS A 109 7.86 33.63 -14.73
C LYS A 109 7.03 34.42 -13.73
N PRO A 110 7.25 35.75 -13.65
CA PRO A 110 6.29 36.56 -12.90
C PRO A 110 4.91 36.43 -13.55
N ASN A 111 3.84 36.43 -12.75
CA ASN A 111 2.50 36.22 -13.33
C ASN A 111 2.36 34.89 -14.07
N GLY A 112 3.06 33.86 -13.60
CA GLY A 112 2.93 32.51 -14.13
C GLY A 112 1.80 31.71 -13.50
N GLY A 113 1.82 30.39 -13.70
CA GLY A 113 0.81 29.52 -13.12
C GLY A 113 -0.53 29.63 -13.83
N GLY A 114 -1.57 29.08 -13.20
CA GLY A 114 -2.94 29.16 -13.71
C GLY A 114 -3.15 28.12 -14.80
N ASN A 115 -4.21 28.31 -15.58
CA ASN A 115 -4.60 27.37 -16.63
C ASN A 115 -3.69 27.44 -17.85
N PRO A 116 -3.47 26.29 -18.53
CA PRO A 116 -2.65 26.31 -19.73
C PRO A 116 -3.32 27.09 -20.87
N PRO A 117 -2.52 27.68 -21.77
CA PRO A 117 -3.09 28.32 -22.96
C PRO A 117 -3.92 27.33 -23.80
N GLU A 118 -4.85 27.89 -24.59
CA GLU A 118 -5.72 27.14 -25.50
C GLU A 118 -5.01 26.08 -26.34
N LYS A 119 -3.83 26.42 -26.89
CA LYS A 119 -3.11 25.51 -27.80
C LYS A 119 -2.50 24.30 -27.08
N LEU A 120 -2.54 24.30 -25.74
CA LEU A 120 -2.08 23.16 -24.93
C LEU A 120 -3.20 22.32 -24.35
N ARG A 121 -4.42 22.86 -24.34
CA ARG A 121 -5.55 22.27 -23.62
C ARG A 121 -5.83 20.80 -23.96
N GLU A 122 -5.96 20.47 -25.26
CA GLU A 122 -6.27 19.10 -25.69
C GLU A 122 -5.23 18.10 -25.26
N MET A 123 -3.96 18.45 -25.46
CA MET A 123 -2.88 17.57 -25.05
C MET A 123 -2.89 17.34 -23.55
N ILE A 124 -3.21 18.38 -22.78
CA ILE A 124 -3.30 18.27 -21.32
C ILE A 124 -4.45 17.34 -20.96
N GLU A 125 -5.61 17.57 -21.58
CA GLU A 125 -6.81 16.77 -21.36
C GLU A 125 -6.64 15.32 -21.75
N HIS A 126 -6.06 15.10 -22.93
CA HIS A 126 -5.70 13.77 -23.41
C HIS A 126 -4.78 13.02 -22.45
N SER A 127 -3.76 13.71 -21.93
CA SER A 127 -2.73 13.05 -21.11
C SER A 127 -3.14 12.85 -19.64
N PHE A 128 -3.88 13.81 -19.07
CA PHE A 128 -4.22 13.77 -17.65
C PHE A 128 -5.71 13.79 -17.32
N GLY A 129 -6.57 13.68 -18.34
CA GLY A 129 -8.03 13.73 -18.11
C GLY A 129 -8.58 15.15 -18.08
N SER A 130 -7.85 16.06 -17.42
CA SER A 130 -8.24 17.48 -17.28
C SER A 130 -7.10 18.31 -16.68
N VAL A 131 -7.28 19.63 -16.64
CA VAL A 131 -6.33 20.50 -15.95
C VAL A 131 -6.13 20.03 -14.50
N GLU A 132 -7.24 19.84 -13.79
CA GLU A 132 -7.18 19.39 -12.39
C GLU A 132 -6.41 18.06 -12.27
N GLY A 133 -6.61 17.16 -13.24
CA GLY A 133 -5.83 15.90 -13.34
C GLY A 133 -4.32 16.13 -13.45
N PHE A 134 -3.93 17.12 -14.24
CA PHE A 134 -2.54 17.52 -14.28
C PHE A 134 -2.04 18.03 -12.92
N ASN A 135 -2.77 18.99 -12.32
CA ASN A 135 -2.36 19.54 -11.02
C ASN A 135 -2.19 18.41 -10.01
N ASN A 136 -3.12 17.46 -10.01
CA ASN A 136 -3.04 16.33 -9.07
C ASN A 136 -1.82 15.45 -9.28
N ALA A 137 -1.47 15.19 -10.54
CA ALA A 137 -0.33 14.32 -10.86
C ALA A 137 0.97 15.03 -10.49
N PHE A 138 1.04 16.32 -10.83
CA PHE A 138 2.22 17.11 -10.53
C PHE A 138 2.43 17.21 -9.02
N THR A 139 1.34 17.42 -8.27
CA THR A 139 1.44 17.57 -6.81
C THR A 139 1.84 16.25 -6.15
N THR A 140 1.21 15.16 -6.59
CA THR A 140 1.49 13.82 -6.08
C THR A 140 2.95 13.46 -6.31
N SER A 141 3.44 13.83 -7.49
CA SER A 141 4.81 13.50 -7.87
C SER A 141 5.80 14.27 -6.98
N GLY A 142 5.49 15.52 -6.70
CA GLY A 142 6.38 16.32 -5.86
C GLY A 142 6.45 15.83 -4.43
N LEU A 143 5.31 15.45 -3.86
CA LEU A 143 5.26 15.00 -2.47
C LEU A 143 5.80 13.56 -2.35
N GLY A 144 5.83 12.88 -3.50
CA GLY A 144 6.27 11.49 -3.59
C GLY A 144 7.77 11.29 -3.73
N GLN A 145 8.51 12.34 -4.13
CA GLN A 145 9.96 12.26 -4.26
C GLN A 145 10.64 12.45 -2.90
N PHE A 146 11.09 11.34 -2.34
CA PHE A 146 11.62 11.34 -0.98
C PHE A 146 13.06 11.83 -1.01
N GLY A 147 13.42 12.74 -0.10
CA GLY A 147 14.74 13.37 -0.14
C GLY A 147 14.81 14.46 -1.20
N SER A 148 16.00 14.66 -1.75
CA SER A 148 16.26 15.75 -2.71
C SER A 148 15.92 15.30 -4.13
N GLY A 149 15.46 16.24 -4.96
CA GLY A 149 15.20 15.93 -6.37
C GLY A 149 14.41 16.95 -7.15
N TRP A 150 13.77 16.48 -8.22
CA TRP A 150 13.14 17.34 -9.22
C TRP A 150 11.84 16.69 -9.73
N VAL A 151 10.86 17.52 -10.04
CA VAL A 151 9.64 17.09 -10.72
C VAL A 151 9.65 17.65 -12.16
N TRP A 152 9.37 16.78 -13.13
CA TRP A 152 9.37 17.17 -14.55
C TRP A 152 8.01 16.96 -15.22
N LEU A 153 7.60 17.96 -16.00
CA LEU A 153 6.60 17.74 -17.04
C LEU A 153 7.38 17.37 -18.30
N VAL A 154 7.07 16.22 -18.88
CA VAL A 154 7.80 15.76 -20.07
C VAL A 154 6.86 15.36 -21.16
N TYR A 155 7.37 15.32 -22.39
CA TYR A 155 6.69 14.65 -23.48
C TYR A 155 7.32 13.28 -23.73
N ASP A 156 6.53 12.23 -23.57
CA ASP A 156 6.97 10.85 -23.67
C ASP A 156 6.70 10.41 -25.10
N GLU A 157 7.77 10.23 -25.86
CA GLU A 157 7.68 9.89 -27.28
C GLU A 157 7.01 8.56 -27.57
N ASP A 158 7.13 7.60 -26.66
CA ASP A 158 6.53 6.27 -26.87
C ASP A 158 5.03 6.21 -26.55
N ALA A 159 4.59 7.05 -25.61
CA ALA A 159 3.18 7.13 -25.21
C ALA A 159 2.40 8.14 -26.05
N LYS A 160 3.14 9.03 -26.73
CA LYS A 160 2.59 10.18 -27.44
C LYS A 160 1.71 11.05 -26.53
N ALA A 161 2.21 11.35 -25.34
CA ALA A 161 1.45 12.08 -24.37
C ALA A 161 2.40 12.76 -23.41
N LEU A 162 1.90 13.78 -22.72
CA LEU A 162 2.61 14.41 -21.63
C LEU A 162 2.58 13.46 -20.44
N LYS A 163 3.64 13.49 -19.64
CA LYS A 163 3.72 12.72 -18.40
C LYS A 163 4.35 13.60 -17.33
N VAL A 164 4.07 13.29 -16.07
CA VAL A 164 4.86 13.84 -14.95
C VAL A 164 5.75 12.74 -14.38
N VAL A 165 7.06 13.01 -14.25
CA VAL A 165 7.96 12.07 -13.58
C VAL A 165 8.83 12.82 -12.57
N SER A 166 9.35 12.13 -11.56
CA SER A 166 10.32 12.77 -10.68
C SER A 166 11.69 12.07 -10.75
N THR A 167 12.72 12.82 -10.39
CA THR A 167 14.06 12.26 -10.30
C THR A 167 14.70 12.58 -8.95
N ALA A 168 15.65 11.72 -8.58
CA ALA A 168 16.45 11.91 -7.36
C ALA A 168 17.67 12.80 -7.62
N ASN A 169 18.00 13.63 -6.63
CA ASN A 169 19.28 14.35 -6.57
C ASN A 169 19.53 15.17 -7.82
N ALA A 170 20.46 14.75 -8.70
CA ALA A 170 20.73 15.50 -9.93
C ALA A 170 20.22 14.86 -11.23
N ASP A 171 19.57 13.70 -11.13
CA ASP A 171 19.05 12.97 -12.28
C ASP A 171 18.00 13.82 -13.01
N SER A 172 17.90 13.64 -14.33
CA SER A 172 16.98 14.39 -15.17
C SER A 172 16.61 13.55 -16.40
N PRO A 173 15.61 14.01 -17.18
CA PRO A 173 15.24 13.35 -18.43
C PRO A 173 16.36 13.27 -19.45
N LEU A 174 17.45 14.06 -19.30
CA LEU A 174 18.61 13.89 -20.19
C LEU A 174 19.19 12.48 -20.12
N LEU A 175 18.94 11.80 -19.02
CA LEU A 175 19.39 10.41 -18.80
C LEU A 175 18.48 9.33 -19.44
N THR A 176 17.29 9.73 -19.90
CA THR A 176 16.29 8.77 -20.39
C THR A 176 15.95 9.00 -21.85
N GLN A 177 16.16 7.99 -22.68
CA GLN A 177 15.84 8.07 -24.10
C GLN A 177 14.32 8.21 -24.27
N GLY A 178 13.90 9.03 -25.23
CA GLY A 178 12.47 9.16 -25.57
C GLY A 178 11.64 9.99 -24.60
N GLN A 179 12.29 10.87 -23.84
CA GLN A 179 11.61 11.66 -22.82
C GLN A 179 12.08 13.12 -22.92
N LEU A 180 11.26 13.99 -23.50
CA LEU A 180 11.67 15.37 -23.74
C LEU A 180 11.23 16.24 -22.57
N PRO A 181 12.18 16.86 -21.84
CA PRO A 181 11.78 17.70 -20.71
C PRO A 181 11.15 19.01 -21.19
N LEU A 182 10.11 19.45 -20.49
CA LEU A 182 9.39 20.67 -20.84
C LEU A 182 9.41 21.74 -19.76
N ALA A 183 9.35 21.30 -18.50
CA ALA A 183 9.44 22.19 -17.32
C ALA A 183 9.84 21.39 -16.10
N THR A 184 10.47 22.05 -15.12
CA THR A 184 10.83 21.38 -13.90
C THR A 184 10.53 22.25 -12.68
N MET A 185 10.31 21.59 -11.57
CA MET A 185 10.17 22.18 -10.25
C MET A 185 11.16 21.49 -9.31
N ASP A 186 12.12 22.27 -8.82
CA ASP A 186 13.11 21.83 -7.83
C ASP A 186 12.40 21.46 -6.54
N VAL A 187 12.58 20.22 -6.06
CA VAL A 187 12.12 19.89 -4.71
C VAL A 187 13.23 19.57 -3.67
N TRP A 188 14.49 19.94 -4.00
CA TRP A 188 15.48 19.97 -2.94
C TRP A 188 14.94 20.91 -1.87
N GLU A 189 15.16 20.57 -0.61
CA GLU A 189 14.62 21.39 0.47
C GLU A 189 15.05 22.88 0.39
N HIS A 190 16.27 23.15 -0.05
CA HIS A 190 16.69 24.57 -0.20
C HIS A 190 15.88 25.39 -1.20
N ALA A 191 15.09 24.73 -2.07
CA ALA A 191 14.30 25.46 -3.07
C ALA A 191 13.18 26.23 -2.41
N TYR A 192 12.76 25.76 -1.23
CA TYR A 192 11.58 26.32 -0.63
C TYR A 192 11.71 26.60 0.87
N TYR A 193 12.72 26.05 1.54
CA TYR A 193 12.73 26.09 3.02
C TYR A 193 12.60 27.49 3.63
N LEU A 194 13.35 28.44 3.09
CA LEU A 194 13.41 29.78 3.71
C LEU A 194 12.03 30.45 3.74
N ASP A 195 11.18 30.12 2.76
CA ASP A 195 9.86 30.74 2.64
C ASP A 195 8.75 29.84 3.18
N TYR A 196 8.84 28.54 2.98
CA TYR A 196 7.75 27.56 3.32
C TYR A 196 8.13 26.50 4.36
N LEU A 197 9.35 26.57 4.89
CA LEU A 197 9.82 25.62 5.91
C LEU A 197 9.61 24.18 5.43
N ASN A 198 9.14 23.28 6.30
CA ASN A 198 8.88 21.90 5.88
C ASN A 198 7.59 21.67 5.06
N LEU A 199 6.83 22.72 4.76
CA LEU A 199 5.56 22.56 4.01
C LEU A 199 5.77 22.54 2.49
N ARG A 200 6.30 21.43 1.99
CA ARG A 200 6.57 21.29 0.55
C ARG A 200 5.27 21.46 -0.26
N LYS A 201 4.16 20.94 0.25
CA LYS A 201 2.89 21.10 -0.45
C LYS A 201 2.52 22.56 -0.67
N LYS A 202 2.75 23.42 0.32
CA LYS A 202 2.46 24.85 0.14
C LYS A 202 3.24 25.42 -1.02
N TYR A 203 4.52 25.09 -1.09
CA TYR A 203 5.38 25.50 -2.22
C TYR A 203 4.92 24.92 -3.57
N ILE A 204 4.52 23.65 -3.58
CA ILE A 204 4.01 23.04 -4.83
C ILE A 204 2.71 23.74 -5.28
N ASP A 205 1.84 24.05 -4.33
CA ASP A 205 0.61 24.77 -4.61
C ASP A 205 0.90 26.11 -5.24
N VAL A 206 1.83 26.85 -4.65
CA VAL A 206 2.22 28.15 -5.15
C VAL A 206 2.85 28.05 -6.55
N PHE A 207 3.69 27.02 -6.76
CA PHE A 207 4.30 26.80 -8.07
C PHE A 207 3.24 26.68 -9.20
N LEU A 208 2.25 25.83 -8.97
CA LEU A 208 1.21 25.59 -9.96
C LEU A 208 0.30 26.80 -10.10
N GLU A 209 0.09 27.50 -8.99
CA GLU A 209 -0.90 28.59 -8.96
C GLU A 209 -0.40 29.89 -9.58
N HIS A 210 0.90 30.16 -9.41
CA HIS A 210 1.47 31.48 -9.74
C HIS A 210 2.83 31.50 -10.43
N LEU A 211 3.49 30.34 -10.58
CA LEU A 211 4.86 30.32 -11.13
C LEU A 211 5.04 29.62 -12.48
N LEU A 212 4.45 28.43 -12.67
CA LEU A 212 4.71 27.60 -13.86
C LEU A 212 4.61 28.43 -15.13
N ASN A 213 5.62 28.33 -16.00
CA ASN A 213 5.65 29.10 -17.22
C ASN A 213 5.18 28.25 -18.40
N TRP A 214 3.90 28.41 -18.73
CA TRP A 214 3.32 27.66 -19.84
C TRP A 214 3.89 28.11 -21.19
N ASP A 215 4.35 29.35 -21.31
CA ASP A 215 4.99 29.80 -22.57
C ASP A 215 6.24 28.97 -22.85
N PHE A 216 6.97 28.62 -21.77
CA PHE A 216 8.17 27.80 -21.93
C PHE A 216 7.81 26.40 -22.44
N VAL A 217 6.90 25.72 -21.73
CA VAL A 217 6.37 24.42 -22.13
C VAL A 217 5.94 24.36 -23.59
N LEU A 218 5.04 25.28 -23.96
CA LEU A 218 4.52 25.37 -25.32
C LEU A 218 5.62 25.59 -26.33
N GLY A 219 6.49 26.55 -26.05
CA GLY A 219 7.61 26.89 -26.92
C GLY A 219 8.51 25.71 -27.20
N ARG A 220 8.77 24.89 -26.18
CA ARG A 220 9.59 23.68 -26.36
C ARG A 220 8.92 22.57 -27.17
N LEU A 221 7.61 22.39 -26.98
CA LEU A 221 6.83 21.46 -27.80
C LEU A 221 6.72 21.88 -29.27
N GLU A 222 6.69 23.19 -29.51
CA GLU A 222 6.76 23.73 -30.88
C GLU A 222 8.15 23.53 -31.49
N ASP A 223 9.21 23.82 -30.73
CA ASP A 223 10.58 23.54 -31.17
C ASP A 223 10.78 22.05 -31.55
N ALA A 224 10.33 21.13 -30.69
CA ALA A 224 10.43 19.70 -30.98
C ALA A 224 9.48 19.22 -32.09
N GLY A 225 8.61 20.10 -32.58
CA GLY A 225 7.72 19.77 -33.69
C GLY A 225 6.50 18.97 -33.29
N VAL A 226 6.30 18.82 -31.97
CA VAL A 226 5.18 18.08 -31.40
C VAL A 226 3.87 18.85 -31.58
N LEU A 227 3.95 20.18 -31.47
CA LEU A 227 2.81 21.08 -31.64
C LEU A 227 3.15 22.25 -32.58
N SER B 21 -26.85 -11.94 -31.01
CA SER B 21 -25.67 -12.64 -30.42
C SER B 21 -25.91 -12.96 -28.93
N MET B 22 -25.13 -13.88 -28.38
CA MET B 22 -25.28 -14.26 -26.97
C MET B 22 -23.94 -14.45 -26.28
N PHE B 23 -23.96 -14.47 -24.96
CA PHE B 23 -22.76 -14.78 -24.19
C PHE B 23 -22.52 -16.26 -24.23
N GLU B 24 -21.26 -16.64 -24.30
CA GLU B 24 -20.91 -18.04 -24.34
C GLU B 24 -19.82 -18.41 -23.31
N LEU B 25 -19.69 -19.70 -23.04
CA LEU B 25 -18.60 -20.17 -22.20
C LEU B 25 -17.33 -20.40 -23.05
N SER B 26 -16.33 -19.54 -22.91
CA SER B 26 -15.11 -19.68 -23.71
C SER B 26 -14.31 -20.93 -23.32
N ASP B 27 -13.70 -21.56 -24.33
CA ASP B 27 -12.87 -22.74 -24.13
C ASP B 27 -11.73 -22.45 -23.15
N LEU B 28 -11.39 -23.45 -22.35
CA LEU B 28 -10.16 -23.43 -21.54
C LEU B 28 -8.94 -23.53 -22.44
N PRO B 29 -7.79 -23.04 -21.94
CA PRO B 29 -6.56 -23.19 -22.71
C PRO B 29 -5.91 -24.59 -22.58
N TYR B 30 -6.51 -25.46 -21.78
CA TYR B 30 -5.91 -26.77 -21.47
C TYR B 30 -7.03 -27.78 -21.22
N GLU B 31 -6.68 -29.06 -21.22
CA GLU B 31 -7.62 -30.11 -20.92
C GLU B 31 -7.88 -30.24 -19.42
N GLY B 32 -6.90 -29.84 -18.62
CA GLY B 32 -6.98 -30.07 -17.18
C GLY B 32 -5.75 -29.59 -16.48
N LEU B 33 -5.80 -29.65 -15.15
CA LEU B 33 -4.74 -29.14 -14.30
C LEU B 33 -4.39 -30.15 -13.19
N GLU B 34 -4.57 -31.43 -13.50
CA GLU B 34 -4.31 -32.54 -12.58
C GLU B 34 -2.82 -32.69 -12.29
N PRO B 35 -2.46 -33.10 -11.05
CA PRO B 35 -3.38 -33.47 -9.96
C PRO B 35 -3.68 -32.31 -9.01
N TYR B 36 -3.29 -31.08 -9.39
CA TYR B 36 -3.41 -29.90 -8.50
C TYR B 36 -4.84 -29.37 -8.42
N ILE B 37 -5.54 -29.37 -9.56
CA ILE B 37 -6.99 -29.21 -9.59
C ILE B 37 -7.48 -30.51 -10.22
N SER B 38 -8.30 -31.25 -9.48
CA SER B 38 -8.78 -32.53 -9.95
C SER B 38 -9.76 -32.34 -11.10
N SER B 39 -9.96 -33.41 -11.87
CA SER B 39 -10.94 -33.46 -12.94
C SER B 39 -12.35 -33.06 -12.44
N HIS B 40 -12.75 -33.64 -11.31
CA HIS B 40 -14.03 -33.32 -10.64
C HIS B 40 -14.16 -31.83 -10.27
N LEU B 41 -13.13 -31.25 -9.67
CA LEU B 41 -13.20 -29.82 -9.26
C LEU B 41 -13.22 -28.90 -10.49
N LEU B 42 -12.35 -29.16 -11.45
CA LEU B 42 -12.34 -28.32 -12.67
C LEU B 42 -13.74 -28.38 -13.36
N ASP B 43 -14.30 -29.57 -13.44
CA ASP B 43 -15.62 -29.74 -14.07
C ASP B 43 -16.71 -28.94 -13.33
N ARG B 44 -16.78 -29.09 -12.02
CA ARG B 44 -17.79 -28.32 -11.25
C ARG B 44 -17.58 -26.80 -11.36
N HIS B 45 -16.33 -26.36 -11.35
CA HIS B 45 -16.02 -24.92 -11.35
C HIS B 45 -16.33 -24.28 -12.71
N TYR B 46 -15.89 -24.95 -13.76
CA TYR B 46 -16.03 -24.50 -15.14
C TYR B 46 -17.42 -24.82 -15.73
N ASN B 47 -17.78 -26.09 -15.77
CA ASN B 47 -19.09 -26.49 -16.31
C ASN B 47 -20.25 -26.26 -15.35
N GLY B 48 -19.96 -26.06 -14.06
CA GLY B 48 -21.01 -25.68 -13.09
C GLY B 48 -21.14 -24.17 -12.86
N HIS B 49 -20.25 -23.61 -12.03
CA HIS B 49 -20.27 -22.18 -11.71
C HIS B 49 -20.10 -21.25 -12.92
N HIS B 50 -19.02 -21.41 -13.69
CA HIS B 50 -18.71 -20.48 -14.81
C HIS B 50 -19.82 -20.53 -15.87
N LYS B 51 -20.23 -21.74 -16.26
CA LYS B 51 -21.34 -21.89 -17.23
C LYS B 51 -22.65 -21.25 -16.71
N THR B 52 -22.90 -21.39 -15.41
CA THR B 52 -24.16 -20.82 -14.88
C THR B 52 -24.18 -19.29 -14.94
N TYR B 53 -23.04 -18.65 -14.69
CA TYR B 53 -22.96 -17.19 -14.82
C TYR B 53 -23.30 -16.77 -16.25
N VAL B 54 -22.80 -17.53 -17.23
CA VAL B 54 -23.12 -17.28 -18.62
C VAL B 54 -24.64 -17.39 -18.90
N ASP B 55 -25.26 -18.48 -18.46
CA ASP B 55 -26.70 -18.70 -18.66
C ASP B 55 -27.54 -17.60 -18.00
N VAL B 56 -27.26 -17.26 -16.75
CA VAL B 56 -28.01 -16.21 -16.02
C VAL B 56 -27.85 -14.86 -16.76
N LEU B 57 -26.63 -14.51 -17.16
CA LEU B 57 -26.44 -13.26 -17.90
C LEU B 57 -27.27 -13.19 -19.21
N ASN B 58 -27.28 -14.30 -19.96
CA ASN B 58 -28.14 -14.37 -21.15
C ASN B 58 -29.59 -14.07 -20.83
N LYS B 59 -30.09 -14.64 -19.75
CA LYS B 59 -31.45 -14.35 -19.30
C LYS B 59 -31.66 -12.91 -18.85
N LEU B 60 -30.76 -12.41 -18.00
CA LEU B 60 -30.87 -11.07 -17.43
C LEU B 60 -30.85 -9.91 -18.43
N VAL B 61 -30.11 -10.04 -19.54
CA VAL B 61 -29.94 -8.90 -20.45
C VAL B 61 -31.09 -8.67 -21.46
N VAL B 62 -31.98 -9.66 -21.61
CA VAL B 62 -33.17 -9.54 -22.45
C VAL B 62 -33.92 -8.25 -22.10
N GLY B 63 -34.16 -7.37 -23.09
CA GLY B 63 -34.91 -6.13 -22.88
C GLY B 63 -34.07 -5.02 -22.28
N THR B 64 -32.75 -5.22 -22.23
CA THR B 64 -31.82 -4.20 -21.74
C THR B 64 -30.97 -3.65 -22.90
N GLU B 65 -30.19 -2.61 -22.61
CA GLU B 65 -29.24 -2.04 -23.59
C GLU B 65 -28.13 -3.02 -23.96
N PHE B 66 -28.05 -4.14 -23.24
CA PHE B 66 -26.97 -5.11 -23.43
C PHE B 66 -27.39 -6.33 -24.27
N GLU B 67 -28.69 -6.46 -24.55
CA GLU B 67 -29.16 -7.62 -25.34
C GLU B 67 -28.46 -7.66 -26.69
N GLY B 68 -28.06 -8.85 -27.12
CA GLY B 68 -27.44 -9.03 -28.43
C GLY B 68 -25.96 -8.71 -28.49
N LEU B 69 -25.38 -8.36 -27.35
CA LEU B 69 -23.94 -8.22 -27.25
C LEU B 69 -23.34 -9.57 -26.90
N GLY B 70 -22.09 -9.77 -27.30
CA GLY B 70 -21.36 -11.00 -27.02
C GLY B 70 -20.20 -10.76 -26.09
N ASN B 71 -19.38 -11.80 -25.92
CA ASN B 71 -18.33 -11.85 -24.91
C ASN B 71 -17.33 -10.69 -24.97
N GLU B 72 -17.04 -10.24 -26.19
CA GLU B 72 -16.08 -9.14 -26.39
C GLU B 72 -16.47 -7.85 -25.63
N SER B 73 -17.76 -7.70 -25.33
CA SER B 73 -18.27 -6.53 -24.62
C SER B 73 -18.31 -6.67 -23.07
N LEU B 74 -17.90 -7.83 -22.57
CA LEU B 74 -18.02 -8.10 -21.13
C LEU B 74 -17.44 -6.97 -20.27
N GLY B 75 -16.23 -6.53 -20.59
CA GLY B 75 -15.59 -5.44 -19.82
C GLY B 75 -16.40 -4.15 -19.79
N ASP B 76 -16.97 -3.76 -20.93
CA ASP B 76 -17.82 -2.56 -21.01
CA ASP B 76 -17.80 -2.56 -20.98
C ASP B 76 -19.08 -2.72 -20.15
N ILE B 77 -19.69 -3.89 -20.22
CA ILE B 77 -20.91 -4.19 -19.45
C ILE B 77 -20.65 -4.13 -17.93
N VAL B 78 -19.55 -4.71 -17.49
CA VAL B 78 -19.17 -4.66 -16.08
C VAL B 78 -19.18 -3.21 -15.58
N VAL B 79 -18.47 -2.33 -16.28
CA VAL B 79 -18.33 -0.94 -15.82
C VAL B 79 -19.66 -0.20 -15.85
N LYS B 80 -20.40 -0.34 -16.96
CA LYS B 80 -21.70 0.33 -17.12
C LYS B 80 -22.72 -0.16 -16.07
N ALA B 81 -22.77 -1.48 -15.88
CA ALA B 81 -23.71 -2.08 -14.93
C ALA B 81 -23.38 -1.73 -13.50
N HIS B 82 -22.09 -1.71 -13.18
CA HIS B 82 -21.65 -1.25 -11.86
C HIS B 82 -22.04 0.21 -11.61
N ASN B 83 -21.78 1.07 -12.59
CA ASN B 83 -22.18 2.47 -12.49
C ASN B 83 -23.67 2.68 -12.20
N SER B 84 -24.52 1.77 -12.69
CA SER B 84 -25.95 1.99 -12.57
C SER B 84 -26.53 1.61 -11.18
N GLY B 85 -25.70 1.07 -10.30
CA GLY B 85 -26.16 0.75 -8.93
C GLY B 85 -27.23 -0.34 -8.88
N SER B 86 -28.34 -0.08 -8.15
CA SER B 86 -29.37 -1.12 -7.94
C SER B 86 -29.94 -1.70 -9.24
N ALA B 87 -30.19 -0.83 -10.22
CA ALA B 87 -30.72 -1.24 -11.53
C ALA B 87 -29.82 -2.26 -12.27
N GLY B 88 -28.52 -2.14 -12.12
CA GLY B 88 -27.60 -3.04 -12.83
C GLY B 88 -26.88 -4.11 -12.01
N ARG B 89 -27.26 -4.29 -10.74
CA ARG B 89 -26.44 -5.08 -9.81
C ARG B 89 -26.33 -6.54 -10.23
N ALA B 90 -27.46 -7.19 -10.54
CA ALA B 90 -27.44 -8.60 -10.95
C ALA B 90 -26.69 -8.77 -12.28
N ILE B 91 -26.88 -7.84 -13.23
CA ILE B 91 -26.13 -7.90 -14.50
C ILE B 91 -24.62 -7.77 -14.23
N PHE B 92 -24.23 -6.81 -13.40
CA PHE B 92 -22.84 -6.63 -12.98
C PHE B 92 -22.26 -7.90 -12.37
N ASN B 93 -22.98 -8.49 -11.40
CA ASN B 93 -22.45 -9.66 -10.70
C ASN B 93 -22.11 -10.77 -11.67
N ASN B 94 -23.01 -11.02 -12.61
CA ASN B 94 -22.81 -12.14 -13.51
C ASN B 94 -21.81 -11.83 -14.63
N ALA B 95 -21.85 -10.62 -15.18
CA ALA B 95 -20.89 -10.24 -16.23
C ALA B 95 -19.49 -10.20 -15.64
N ALA B 96 -19.37 -9.65 -14.44
CA ALA B 96 -18.07 -9.55 -13.80
C ALA B 96 -17.53 -10.95 -13.48
N GLN B 97 -18.37 -11.84 -12.97
CA GLN B 97 -17.89 -13.21 -12.71
C GLN B 97 -17.48 -13.97 -13.97
N ILE B 98 -18.18 -13.75 -15.09
CA ILE B 98 -17.73 -14.34 -16.37
C ILE B 98 -16.33 -13.79 -16.74
N TRP B 99 -16.18 -12.47 -16.76
CA TRP B 99 -14.87 -11.86 -17.05
C TRP B 99 -13.78 -12.36 -16.08
N ASN B 100 -14.09 -12.40 -14.77
CA ASN B 100 -13.11 -12.86 -13.78
C ASN B 100 -12.66 -14.30 -14.02
N HIS B 101 -13.62 -15.20 -14.27
CA HIS B 101 -13.28 -16.60 -14.53
C HIS B 101 -12.51 -16.82 -15.82
N ASP B 102 -12.85 -16.07 -16.87
CA ASP B 102 -12.06 -16.14 -18.12
C ASP B 102 -10.59 -15.79 -17.82
N PHE B 103 -10.38 -14.75 -16.99
CA PHE B 103 -9.04 -14.28 -16.63
C PHE B 103 -8.30 -15.30 -15.75
N TYR B 104 -9.02 -15.83 -14.75
CA TYR B 104 -8.56 -16.97 -13.93
C TYR B 104 -8.03 -18.18 -14.73
N TRP B 105 -8.82 -18.74 -15.66
CA TRP B 105 -8.34 -19.89 -16.44
C TRP B 105 -7.04 -19.57 -17.19
N GLN B 106 -6.91 -18.33 -17.67
CA GLN B 106 -5.72 -17.92 -18.40
C GLN B 106 -4.53 -17.73 -17.46
N SER B 107 -4.84 -17.47 -16.18
CA SER B 107 -3.82 -17.16 -15.17
C SER B 107 -3.15 -18.44 -14.68
N MET B 108 -3.53 -19.59 -15.26
CA MET B 108 -2.95 -20.87 -14.86
C MET B 108 -2.52 -21.61 -16.11
N LYS B 109 -1.68 -22.64 -15.93
CA LYS B 109 -1.36 -23.60 -17.00
C LYS B 109 -0.81 -24.94 -16.46
N PRO B 110 -0.91 -26.01 -17.27
CA PRO B 110 -0.10 -27.17 -16.91
C PRO B 110 1.38 -26.78 -16.77
N ASN B 111 2.05 -27.34 -15.78
CA ASN B 111 3.48 -27.06 -15.53
C ASN B 111 3.71 -25.60 -15.17
N GLY B 112 2.72 -25.01 -14.52
CA GLY B 112 2.80 -23.60 -14.08
C GLY B 112 3.51 -23.43 -12.75
N GLY B 113 3.33 -22.24 -12.15
CA GLY B 113 3.99 -21.89 -10.89
C GLY B 113 5.49 -21.73 -11.01
N GLY B 114 6.17 -21.79 -9.85
CA GLY B 114 7.62 -21.77 -9.83
C GLY B 114 8.13 -20.34 -10.02
N ASN B 115 9.44 -20.24 -10.27
CA ASN B 115 10.10 -18.94 -10.37
C ASN B 115 9.73 -18.23 -11.67
N PRO B 116 9.55 -16.91 -11.62
CA PRO B 116 9.24 -16.13 -12.82
C PRO B 116 10.37 -16.17 -13.84
N PRO B 117 10.07 -15.92 -15.12
CA PRO B 117 11.13 -15.95 -16.12
C PRO B 117 12.05 -14.74 -15.98
N GLU B 118 13.25 -14.84 -16.56
CA GLU B 118 14.29 -13.81 -16.49
C GLU B 118 13.80 -12.39 -16.76
N LYS B 119 12.97 -12.21 -17.78
CA LYS B 119 12.50 -10.90 -18.17
C LYS B 119 11.71 -10.20 -17.05
N LEU B 120 11.10 -10.99 -16.18
CA LEU B 120 10.26 -10.48 -15.11
C LEU B 120 10.99 -10.32 -13.78
N ARG B 121 12.17 -10.92 -13.65
CA ARG B 121 12.91 -10.96 -12.37
C ARG B 121 13.13 -9.60 -11.73
N GLU B 122 13.67 -8.66 -12.49
CA GLU B 122 13.98 -7.34 -11.93
C GLU B 122 12.74 -6.64 -11.40
N MET B 123 11.67 -6.65 -12.21
CA MET B 123 10.44 -5.97 -11.84
C MET B 123 9.83 -6.57 -10.56
N ILE B 124 9.84 -7.89 -10.46
CA ILE B 124 9.36 -8.57 -9.25
C ILE B 124 10.23 -8.19 -8.05
N GLU B 125 11.55 -8.18 -8.23
CA GLU B 125 12.44 -7.80 -7.12
C GLU B 125 12.30 -6.34 -6.68
N HIS B 126 12.14 -5.43 -7.65
CA HIS B 126 11.90 -4.02 -7.33
C HIS B 126 10.56 -3.84 -6.60
N SER B 127 9.54 -4.58 -7.04
CA SER B 127 8.17 -4.39 -6.55
C SER B 127 7.91 -5.02 -5.17
N PHE B 128 8.52 -6.17 -4.90
CA PHE B 128 8.25 -6.95 -3.69
C PHE B 128 9.46 -7.24 -2.82
N GLY B 129 10.66 -6.79 -3.25
CA GLY B 129 11.92 -7.13 -2.58
C GLY B 129 12.59 -8.39 -3.11
N SER B 130 11.80 -9.43 -3.40
CA SER B 130 12.33 -10.71 -3.92
C SER B 130 11.18 -11.59 -4.34
N VAL B 131 11.50 -12.72 -5.00
CA VAL B 131 10.48 -13.71 -5.34
C VAL B 131 9.79 -14.18 -4.05
N GLU B 132 10.58 -14.47 -3.02
CA GLU B 132 10.04 -14.80 -1.70
C GLU B 132 9.02 -13.76 -1.22
N GLY B 133 9.39 -12.48 -1.30
CA GLY B 133 8.51 -11.37 -0.96
C GLY B 133 7.23 -11.31 -1.78
N PHE B 134 7.30 -11.60 -3.08
CA PHE B 134 6.08 -11.75 -3.87
C PHE B 134 5.19 -12.90 -3.37
N ASN B 135 5.81 -14.05 -3.11
CA ASN B 135 5.05 -15.22 -2.69
C ASN B 135 4.34 -14.94 -1.38
N ASN B 136 5.05 -14.32 -0.45
CA ASN B 136 4.46 -13.92 0.83
C ASN B 136 3.31 -12.93 0.67
N ALA B 137 3.49 -11.96 -0.24
CA ALA B 137 2.46 -10.92 -0.45
C ALA B 137 1.18 -11.51 -1.04
N PHE B 138 1.35 -12.41 -2.01
CA PHE B 138 0.22 -13.08 -2.69
C PHE B 138 -0.53 -13.98 -1.70
N THR B 139 0.24 -14.75 -0.91
CA THR B 139 -0.33 -15.65 0.10
C THR B 139 -1.13 -14.89 1.18
N THR B 140 -0.51 -13.88 1.77
CA THR B 140 -1.18 -13.02 2.77
C THR B 140 -2.46 -12.37 2.22
N SER B 141 -2.45 -11.96 0.95
CA SER B 141 -3.61 -11.30 0.33
C SER B 141 -4.76 -12.30 0.17
N GLY B 142 -4.43 -13.53 -0.21
CA GLY B 142 -5.42 -14.61 -0.32
C GLY B 142 -6.01 -15.06 1.02
N LEU B 143 -5.17 -15.26 2.04
CA LEU B 143 -5.71 -15.59 3.36
C LEU B 143 -6.48 -14.41 4.00
N GLY B 144 -6.16 -13.19 3.54
CA GLY B 144 -6.66 -11.96 4.18
C GLY B 144 -8.01 -11.46 3.66
N GLN B 145 -8.43 -11.96 2.49
CA GLN B 145 -9.72 -11.63 1.89
C GLN B 145 -10.80 -12.52 2.52
N PHE B 146 -11.46 -11.99 3.54
CA PHE B 146 -12.38 -12.74 4.36
C PHE B 146 -13.67 -12.88 3.55
N GLY B 147 -14.19 -14.11 3.49
CA GLY B 147 -15.31 -14.42 2.62
C GLY B 147 -14.89 -14.71 1.19
N SER B 148 -15.69 -14.22 0.24
CA SER B 148 -15.53 -14.58 -1.17
C SER B 148 -14.79 -13.47 -1.88
N GLY B 149 -13.92 -13.83 -2.81
CA GLY B 149 -13.30 -12.78 -3.62
C GLY B 149 -12.18 -13.28 -4.49
N TRP B 150 -11.24 -12.39 -4.80
CA TRP B 150 -10.21 -12.66 -5.80
C TRP B 150 -8.89 -12.02 -5.35
N VAL B 151 -7.77 -12.63 -5.68
CA VAL B 151 -6.45 -12.00 -5.49
C VAL B 151 -5.87 -11.64 -6.87
N TRP B 152 -5.31 -10.44 -7.00
CA TRP B 152 -4.83 -9.97 -8.31
C TRP B 152 -3.38 -9.60 -8.24
N LEU B 153 -2.60 -9.99 -9.23
CA LEU B 153 -1.31 -9.35 -9.50
C LEU B 153 -1.55 -8.25 -10.53
N VAL B 154 -1.16 -7.01 -10.21
CA VAL B 154 -1.45 -5.91 -11.11
C VAL B 154 -0.21 -5.10 -11.38
N TYR B 155 -0.26 -4.26 -12.40
CA TYR B 155 0.78 -3.30 -12.61
C TYR B 155 0.11 -1.96 -12.36
N ASP B 156 0.71 -1.20 -11.44
CA ASP B 156 0.21 0.11 -11.03
C ASP B 156 0.94 1.16 -11.85
N GLU B 157 0.20 1.82 -12.75
CA GLU B 157 0.79 2.83 -13.66
C GLU B 157 1.46 4.02 -12.97
N ASP B 158 0.86 4.47 -11.86
CA ASP B 158 1.41 5.58 -11.08
C ASP B 158 2.65 5.20 -10.28
N ALA B 159 2.58 4.08 -9.55
CA ALA B 159 3.69 3.58 -8.72
C ALA B 159 4.89 3.10 -9.55
N LYS B 160 4.67 2.84 -10.83
CA LYS B 160 5.68 2.21 -11.70
C LYS B 160 6.13 0.86 -11.13
N ALA B 161 5.17 0.11 -10.61
CA ALA B 161 5.50 -1.16 -9.94
C ALA B 161 4.36 -2.17 -10.02
N LEU B 162 4.70 -3.45 -9.89
CA LEU B 162 3.71 -4.49 -9.68
C LEU B 162 3.17 -4.38 -8.27
N LYS B 163 1.91 -4.81 -8.07
CA LYS B 163 1.27 -4.83 -6.74
C LYS B 163 0.38 -6.05 -6.62
N VAL B 164 0.17 -6.50 -5.39
CA VAL B 164 -0.86 -7.52 -5.13
C VAL B 164 -2.03 -6.88 -4.41
N VAL B 165 -3.24 -7.05 -4.96
CA VAL B 165 -4.45 -6.50 -4.32
C VAL B 165 -5.54 -7.57 -4.32
N SER B 166 -6.42 -7.56 -3.33
CA SER B 166 -7.51 -8.50 -3.35
C SER B 166 -8.81 -7.74 -3.46
N THR B 167 -9.85 -8.41 -3.94
CA THR B 167 -11.18 -7.80 -4.04
C THR B 167 -12.24 -8.71 -3.45
N ALA B 168 -13.39 -8.10 -3.08
CA ALA B 168 -14.51 -8.90 -2.55
C ALA B 168 -15.43 -9.34 -3.69
N ASN B 169 -15.99 -10.56 -3.56
CA ASN B 169 -17.07 -11.04 -4.41
C ASN B 169 -16.79 -11.03 -5.92
N ALA B 170 -17.39 -10.09 -6.64
CA ALA B 170 -17.15 -9.96 -8.11
C ALA B 170 -16.28 -8.76 -8.51
N ASP B 171 -15.80 -7.98 -7.53
CA ASP B 171 -15.03 -6.75 -7.84
C ASP B 171 -13.73 -7.13 -8.49
N SER B 172 -13.18 -6.23 -9.30
CA SER B 172 -11.96 -6.50 -10.03
C SER B 172 -11.25 -5.18 -10.38
N PRO B 173 -9.98 -5.24 -10.79
CA PRO B 173 -9.30 -4.05 -11.30
C PRO B 173 -10.02 -3.34 -12.46
N LEU B 174 -10.99 -3.97 -13.14
CA LEU B 174 -11.81 -3.20 -14.12
C LEU B 174 -12.46 -1.96 -13.53
N LEU B 175 -12.74 -2.02 -12.23
CA LEU B 175 -13.41 -0.91 -11.53
C LEU B 175 -12.51 0.21 -11.01
N THR B 176 -11.20 0.09 -11.18
CA THR B 176 -10.26 1.08 -10.64
C THR B 176 -9.27 1.57 -11.72
N GLN B 177 -9.16 2.89 -11.88
CA GLN B 177 -8.30 3.44 -12.91
C GLN B 177 -6.82 3.28 -12.55
N GLY B 178 -5.98 2.96 -13.53
CA GLY B 178 -4.52 2.92 -13.33
C GLY B 178 -3.93 1.64 -12.74
N GLN B 179 -4.75 0.57 -12.69
CA GLN B 179 -4.24 -0.76 -12.34
C GLN B 179 -4.60 -1.78 -13.41
N LEU B 180 -3.55 -2.22 -14.12
CA LEU B 180 -3.69 -3.22 -15.16
C LEU B 180 -3.64 -4.65 -14.57
N PRO B 181 -4.73 -5.42 -14.67
CA PRO B 181 -4.67 -6.81 -14.17
C PRO B 181 -3.75 -7.70 -14.99
N LEU B 182 -2.99 -8.55 -14.30
CA LEU B 182 -2.02 -9.42 -14.99
C LEU B 182 -2.32 -10.91 -14.76
N ALA B 183 -2.80 -11.22 -13.55
CA ALA B 183 -3.17 -12.59 -13.20
C ALA B 183 -4.13 -12.56 -12.03
N THR B 184 -4.99 -13.57 -11.94
CA THR B 184 -5.86 -13.67 -10.76
C THR B 184 -5.94 -15.08 -10.20
N MET B 185 -6.16 -15.14 -8.88
CA MET B 185 -6.46 -16.38 -8.17
C MET B 185 -7.83 -16.25 -7.49
N ASP B 186 -8.75 -17.15 -7.84
CA ASP B 186 -10.11 -17.18 -7.28
C ASP B 186 -10.02 -17.68 -5.86
N VAL B 187 -10.50 -16.91 -4.88
CA VAL B 187 -10.58 -17.41 -3.49
C VAL B 187 -12.01 -17.58 -2.96
N TRP B 188 -13.01 -17.55 -3.84
CA TRP B 188 -14.33 -18.14 -3.46
C TRP B 188 -14.09 -19.57 -3.02
N GLU B 189 -14.82 -20.04 -2.00
CA GLU B 189 -14.64 -21.39 -1.48
C GLU B 189 -14.82 -22.49 -2.55
N HIS B 190 -15.76 -22.32 -3.49
CA HIS B 190 -15.94 -23.35 -4.53
C HIS B 190 -14.72 -23.52 -5.41
N ALA B 191 -13.79 -22.56 -5.40
CA ALA B 191 -12.58 -22.68 -6.21
C ALA B 191 -11.65 -23.81 -5.75
N TYR B 192 -11.75 -24.19 -4.47
CA TYR B 192 -10.82 -25.16 -3.89
C TYR B 192 -11.47 -26.24 -3.04
N TYR B 193 -12.75 -26.03 -2.70
CA TYR B 193 -13.39 -26.89 -1.66
C TYR B 193 -13.37 -28.40 -1.93
N LEU B 194 -13.70 -28.83 -3.15
CA LEU B 194 -13.83 -30.27 -3.41
C LEU B 194 -12.50 -30.99 -3.23
N ASP B 195 -11.39 -30.28 -3.46
CA ASP B 195 -10.06 -30.87 -3.36
C ASP B 195 -9.38 -30.62 -2.02
N TYR B 196 -9.56 -29.39 -1.48
CA TYR B 196 -8.77 -28.88 -0.34
C TYR B 196 -9.62 -28.58 0.90
N LEU B 197 -10.95 -28.74 0.78
CA LEU B 197 -11.91 -28.47 1.89
C LEU B 197 -11.70 -27.06 2.46
N ASN B 198 -11.67 -26.92 3.79
CA ASN B 198 -11.43 -25.61 4.39
C ASN B 198 -9.95 -25.18 4.40
N LEU B 199 -9.04 -25.93 3.76
CA LEU B 199 -7.62 -25.53 3.79
C LEU B 199 -7.24 -24.55 2.68
N ARG B 200 -7.68 -23.29 2.77
CA ARG B 200 -7.44 -22.32 1.71
C ARG B 200 -5.93 -22.14 1.45
N LYS B 201 -5.15 -22.15 2.53
CA LYS B 201 -3.71 -21.96 2.39
C LYS B 201 -3.04 -23.04 1.51
N LYS B 202 -3.47 -24.29 1.63
CA LYS B 202 -2.95 -25.40 0.83
C LYS B 202 -3.18 -25.11 -0.66
N TYR B 203 -4.39 -24.68 -0.99
CA TYR B 203 -4.72 -24.30 -2.36
C TYR B 203 -3.84 -23.15 -2.88
N ILE B 204 -3.67 -22.12 -2.04
CA ILE B 204 -2.82 -20.98 -2.40
C ILE B 204 -1.37 -21.46 -2.63
N ASP B 205 -0.85 -22.31 -1.74
CA ASP B 205 0.51 -22.86 -1.91
C ASP B 205 0.64 -23.57 -3.27
N VAL B 206 -0.34 -24.42 -3.57
CA VAL B 206 -0.39 -25.16 -4.84
C VAL B 206 -0.47 -24.24 -6.05
N PHE B 207 -1.27 -23.20 -5.93
CA PHE B 207 -1.39 -22.22 -7.01
C PHE B 207 -0.01 -21.61 -7.34
N LEU B 208 0.68 -21.12 -6.31
CA LEU B 208 2.02 -20.52 -6.53
C LEU B 208 3.09 -21.54 -6.99
N GLU B 209 3.01 -22.75 -6.45
CA GLU B 209 4.03 -23.76 -6.76
C GLU B 209 3.86 -24.40 -8.12
N HIS B 210 2.61 -24.58 -8.54
CA HIS B 210 2.33 -25.39 -9.71
C HIS B 210 1.36 -24.86 -10.76
N LEU B 211 0.72 -23.72 -10.52
CA LEU B 211 -0.34 -23.25 -11.44
C LEU B 211 -0.12 -21.90 -12.11
N LEU B 212 0.32 -20.89 -11.35
CA LEU B 212 0.43 -19.52 -11.87
C LEU B 212 1.12 -19.47 -13.23
N ASN B 213 0.49 -18.80 -14.19
CA ASN B 213 0.99 -18.77 -15.55
C ASN B 213 1.77 -17.48 -15.84
N TRP B 214 3.11 -17.55 -15.71
CA TRP B 214 3.97 -16.38 -15.91
C TRP B 214 4.01 -15.97 -17.39
N ASP B 215 3.83 -16.91 -18.32
CA ASP B 215 3.74 -16.52 -19.74
C ASP B 215 2.60 -15.52 -19.97
N PHE B 216 1.46 -15.73 -19.29
CA PHE B 216 0.30 -14.82 -19.39
C PHE B 216 0.62 -13.46 -18.77
N VAL B 217 1.31 -13.48 -17.61
CA VAL B 217 1.71 -12.24 -16.92
C VAL B 217 2.64 -11.39 -17.77
N LEU B 218 3.69 -12.03 -18.28
CA LEU B 218 4.66 -11.38 -19.14
C LEU B 218 3.99 -10.86 -20.42
N GLY B 219 3.19 -11.72 -21.05
CA GLY B 219 2.47 -11.36 -22.28
C GLY B 219 1.59 -10.14 -22.14
N ARG B 220 0.84 -10.05 -21.04
CA ARG B 220 0.03 -8.88 -20.73
C ARG B 220 0.88 -7.62 -20.59
N LEU B 221 2.06 -7.77 -19.98
CA LEU B 221 2.98 -6.62 -19.76
C LEU B 221 3.65 -6.13 -21.06
N GLU B 222 4.05 -7.07 -21.91
CA GLU B 222 4.54 -6.78 -23.27
C GLU B 222 3.47 -6.12 -24.14
N ASP B 223 2.28 -6.73 -24.21
CA ASP B 223 1.15 -6.18 -24.95
C ASP B 223 0.90 -4.74 -24.54
N ALA B 224 0.88 -4.48 -23.24
CA ALA B 224 0.63 -3.14 -22.70
C ALA B 224 1.80 -2.16 -22.88
N GLY B 225 2.96 -2.68 -23.28
CA GLY B 225 4.13 -1.85 -23.58
C GLY B 225 5.05 -1.58 -22.41
N VAL B 226 4.77 -2.21 -21.27
CA VAL B 226 5.52 -2.01 -20.03
C VAL B 226 6.90 -2.69 -20.07
N LEU B 227 6.95 -3.86 -20.72
CA LEU B 227 8.18 -4.63 -20.92
C LEU B 227 8.33 -5.08 -22.38
N MET C 22 -10.83 -19.60 28.56
CA MET C 22 -10.69 -19.80 27.08
C MET C 22 -12.02 -20.04 26.37
N PHE C 23 -12.06 -19.68 25.09
CA PHE C 23 -13.23 -19.95 24.25
C PHE C 23 -13.29 -21.43 23.90
N GLU C 24 -14.50 -21.91 23.68
CA GLU C 24 -14.76 -23.33 23.48
C GLU C 24 -15.66 -23.59 22.28
N LEU C 25 -15.45 -24.75 21.67
CA LEU C 25 -16.41 -25.25 20.70
C LEU C 25 -17.55 -25.92 21.47
N SER C 26 -18.70 -25.27 21.56
CA SER C 26 -19.82 -25.78 22.36
C SER C 26 -20.45 -27.00 21.68
N ASP C 27 -20.98 -27.91 22.50
CA ASP C 27 -21.70 -29.11 22.00
C ASP C 27 -22.88 -28.75 21.10
N LEU C 28 -23.08 -29.54 20.06
CA LEU C 28 -24.28 -29.43 19.23
C LEU C 28 -25.48 -29.83 20.09
N PRO C 29 -26.67 -29.29 19.77
CA PRO C 29 -27.91 -29.71 20.46
C PRO C 29 -28.45 -31.09 20.03
N TYR C 30 -27.76 -31.76 19.11
CA TYR C 30 -28.22 -33.03 18.52
C TYR C 30 -27.02 -33.83 18.01
N GLU C 31 -27.23 -35.13 17.78
CA GLU C 31 -26.19 -36.01 17.24
C GLU C 31 -25.94 -35.74 15.77
N GLY C 32 -27.00 -35.36 15.06
CA GLY C 32 -26.92 -35.18 13.61
C GLY C 32 -28.20 -34.59 13.03
N LEU C 33 -28.14 -34.29 11.73
CA LEU C 33 -29.28 -33.77 10.99
C LEU C 33 -29.48 -34.51 9.63
N GLU C 34 -29.06 -35.77 9.57
CA GLU C 34 -29.13 -36.56 8.35
C GLU C 34 -30.61 -36.88 8.03
N PRO C 35 -30.95 -36.98 6.73
CA PRO C 35 -30.09 -36.87 5.56
C PRO C 35 -29.99 -35.44 4.99
N TYR C 36 -30.63 -34.47 5.65
CA TYR C 36 -30.68 -33.08 5.18
C TYR C 36 -29.30 -32.41 5.15
N ILE C 37 -28.52 -32.66 6.20
CA ILE C 37 -27.12 -32.31 6.25
C ILE C 37 -26.41 -33.62 6.55
N SER C 38 -25.57 -34.06 5.61
CA SER C 38 -24.86 -35.32 5.76
C SER C 38 -23.90 -35.29 6.96
N SER C 39 -23.58 -36.49 7.41
CA SER C 39 -22.57 -36.69 8.42
C SER C 39 -21.22 -36.01 8.04
N HIS C 40 -20.78 -36.20 6.79
CA HIS C 40 -19.55 -35.55 6.29
C HIS C 40 -19.64 -34.00 6.36
N LEU C 41 -20.76 -33.44 5.89
CA LEU C 41 -20.94 -31.98 5.86
C LEU C 41 -20.97 -31.43 7.28
N LEU C 42 -21.79 -32.04 8.15
CA LEU C 42 -21.86 -31.63 9.56
C LEU C 42 -20.46 -31.64 10.19
N ASP C 43 -19.76 -32.76 10.01
CA ASP C 43 -18.43 -32.87 10.60
C ASP C 43 -17.44 -31.77 10.13
N ARG C 44 -17.40 -31.54 8.81
CA ARG C 44 -16.52 -30.52 8.24
C ARG C 44 -16.91 -29.11 8.69
N HIS C 45 -18.22 -28.82 8.71
CA HIS C 45 -18.69 -27.50 9.10
C HIS C 45 -18.37 -27.18 10.57
N TYR C 46 -18.64 -28.15 11.44
CA TYR C 46 -18.50 -28.00 12.90
C TYR C 46 -17.04 -28.18 13.37
N ASN C 47 -16.46 -29.35 13.09
CA ASN C 47 -15.07 -29.62 13.45
C ASN C 47 -14.00 -28.96 12.58
N GLY C 48 -14.39 -28.50 11.40
CA GLY C 48 -13.44 -27.79 10.56
C GLY C 48 -13.65 -26.28 10.75
N HIS C 49 -14.69 -25.74 10.13
CA HIS C 49 -14.86 -24.26 10.11
C HIS C 49 -15.11 -23.64 11.49
N HIS C 50 -16.13 -24.13 12.19
CA HIS C 50 -16.53 -23.57 13.47
C HIS C 50 -15.37 -23.71 14.48
N LYS C 51 -14.85 -24.92 14.63
CA LYS C 51 -13.69 -25.17 15.51
C LYS C 51 -12.49 -24.25 15.21
N THR C 52 -12.17 -24.06 13.92
CA THR C 52 -11.07 -23.16 13.54
C THR C 52 -11.24 -21.73 14.05
N TYR C 53 -12.46 -21.20 13.98
CA TYR C 53 -12.74 -19.87 14.57
C TYR C 53 -12.44 -19.82 16.07
N VAL C 54 -12.84 -20.85 16.82
CA VAL C 54 -12.52 -20.94 18.26
C VAL C 54 -11.00 -20.93 18.47
N ASP C 55 -10.30 -21.79 17.73
CA ASP C 55 -8.84 -21.95 17.90
C ASP C 55 -8.07 -20.67 17.55
N VAL C 56 -8.46 -20.05 16.44
CA VAL C 56 -7.83 -18.81 15.99
C VAL C 56 -8.08 -17.69 17.01
N LEU C 57 -9.31 -17.57 17.53
CA LEU C 57 -9.66 -16.53 18.50
C LEU C 57 -8.87 -16.68 19.80
N ASN C 58 -8.75 -17.93 20.27
CA ASN C 58 -7.93 -18.22 21.45
C ASN C 58 -6.48 -17.70 21.30
N LYS C 59 -5.94 -17.79 20.09
CA LYS C 59 -4.62 -17.24 19.81
C LYS C 59 -4.57 -15.73 19.70
N LEU C 60 -5.54 -15.14 19.00
CA LEU C 60 -5.58 -13.69 18.76
C LEU C 60 -5.72 -12.85 20.01
N VAL C 61 -6.46 -13.36 20.99
CA VAL C 61 -6.77 -12.54 22.17
C VAL C 61 -5.64 -12.46 23.17
N VAL C 62 -4.65 -13.35 23.03
CA VAL C 62 -3.48 -13.37 23.92
C VAL C 62 -2.89 -11.97 23.96
N GLY C 63 -2.74 -11.42 25.17
CA GLY C 63 -2.18 -10.07 25.35
C GLY C 63 -3.12 -8.90 25.09
N THR C 64 -4.38 -9.18 24.76
CA THR C 64 -5.38 -8.13 24.53
C THR C 64 -6.28 -8.01 25.76
N GLU C 65 -7.17 -7.03 25.73
CA GLU C 65 -8.20 -6.88 26.77
C GLU C 65 -9.17 -8.08 26.87
N PHE C 66 -9.21 -8.91 25.82
CA PHE C 66 -10.17 -10.01 25.74
C PHE C 66 -9.64 -11.34 26.29
N GLU C 67 -8.34 -11.42 26.57
CA GLU C 67 -7.74 -12.65 27.10
C GLU C 67 -8.40 -13.07 28.41
N GLY C 68 -8.71 -14.35 28.55
CA GLY C 68 -9.27 -14.88 29.80
C GLY C 68 -10.78 -14.87 29.87
N LEU C 69 -11.42 -14.37 28.82
CA LEU C 69 -12.89 -14.36 28.73
C LEU C 69 -13.37 -15.67 28.12
N GLY C 70 -14.62 -16.04 28.42
CA GLY C 70 -15.23 -17.26 27.93
C GLY C 70 -16.36 -16.99 26.96
N ASN C 71 -17.07 -18.07 26.58
CA ASN C 71 -18.10 -17.99 25.56
C ASN C 71 -19.27 -17.03 25.87
N GLU C 72 -19.60 -16.84 27.15
CA GLU C 72 -20.69 -15.93 27.52
C GLU C 72 -20.39 -14.49 27.14
N SER C 73 -19.12 -14.18 26.92
CA SER C 73 -18.71 -12.82 26.56
C SER C 73 -18.70 -12.56 25.05
N LEU C 74 -19.00 -13.59 24.25
CA LEU C 74 -18.88 -13.44 22.80
C LEU C 74 -19.63 -12.23 22.24
N GLY C 75 -20.91 -12.09 22.58
CA GLY C 75 -21.72 -10.96 22.08
C GLY C 75 -21.11 -9.58 22.37
N ASP C 76 -20.60 -9.41 23.59
CA ASP C 76 -19.95 -8.17 23.99
C ASP C 76 -18.66 -7.92 23.19
N ILE C 77 -17.87 -8.98 23.01
CA ILE C 77 -16.63 -8.89 22.22
C ILE C 77 -16.90 -8.50 20.75
N VAL C 78 -17.92 -9.11 20.15
CA VAL C 78 -18.29 -8.77 18.77
C VAL C 78 -18.51 -7.28 18.63
N VAL C 79 -19.31 -6.71 19.54
CA VAL C 79 -19.66 -5.28 19.51
C VAL C 79 -18.45 -4.38 19.73
N LYS C 80 -17.69 -4.63 20.81
CA LYS C 80 -16.50 -3.84 21.10
C LYS C 80 -15.43 -3.93 19.99
N ALA C 81 -15.17 -5.14 19.49
CA ALA C 81 -14.17 -5.32 18.43
C ALA C 81 -14.60 -4.65 17.11
N HIS C 82 -15.89 -4.71 16.80
CA HIS C 82 -16.40 -4.06 15.60
C HIS C 82 -16.25 -2.55 15.70
N ASN C 83 -16.46 -2.01 16.90
CA ASN C 83 -16.27 -0.58 17.17
C ASN C 83 -14.80 -0.15 17.19
N SER C 84 -13.88 -1.10 17.15
CA SER C 84 -12.43 -0.81 17.17
C SER C 84 -11.79 -0.65 15.78
N GLY C 85 -12.60 -0.66 14.72
CA GLY C 85 -12.07 -0.49 13.38
C GLY C 85 -11.03 -1.53 12.98
N SER C 86 -10.04 -1.06 12.24
CA SER C 86 -8.97 -1.90 11.70
C SER C 86 -8.29 -2.82 12.73
N ALA C 87 -8.06 -2.28 13.92
CA ALA C 87 -7.28 -2.96 14.97
C ALA C 87 -8.00 -4.19 15.49
N GLY C 88 -9.32 -4.09 15.61
CA GLY C 88 -10.10 -5.20 16.13
C GLY C 88 -10.71 -6.10 15.07
N ARG C 89 -10.34 -5.93 13.79
CA ARG C 89 -11.01 -6.66 12.69
C ARG C 89 -10.88 -8.18 12.73
N ALA C 90 -9.67 -8.70 12.94
CA ALA C 90 -9.50 -10.15 13.05
C ALA C 90 -10.25 -10.73 14.26
N ILE C 91 -10.19 -10.03 15.40
CA ILE C 91 -10.90 -10.49 16.60
C ILE C 91 -12.41 -10.45 16.35
N PHE C 92 -12.90 -9.36 15.75
CA PHE C 92 -14.30 -9.29 15.33
C PHE C 92 -14.72 -10.45 14.40
N ASN C 93 -13.98 -10.67 13.32
CA ASN C 93 -14.34 -11.78 12.38
C ASN C 93 -14.45 -13.12 13.10
N ASN C 94 -13.47 -13.41 13.95
CA ASN C 94 -13.47 -14.71 14.61
C ASN C 94 -14.51 -14.83 15.72
N ALA C 95 -14.61 -13.81 16.58
CA ALA C 95 -15.64 -13.83 17.62
C ALA C 95 -17.03 -13.85 17.02
N ALA C 96 -17.26 -13.02 15.99
CA ALA C 96 -18.59 -13.00 15.37
C ALA C 96 -18.96 -14.35 14.74
N GLN C 97 -18.02 -15.00 14.06
CA GLN C 97 -18.33 -16.29 13.42
C GLN C 97 -18.60 -17.41 14.44
N ILE C 98 -17.95 -17.38 15.61
CA ILE C 98 -18.28 -18.34 16.68
C ILE C 98 -19.74 -18.13 17.10
N TRP C 99 -20.10 -16.86 17.36
CA TRP C 99 -21.47 -16.51 17.77
C TRP C 99 -22.51 -16.93 16.72
N ASN C 100 -22.28 -16.55 15.46
CA ASN C 100 -23.15 -16.95 14.32
C ASN C 100 -23.34 -18.47 14.20
N HIS C 101 -22.24 -19.24 14.28
CA HIS C 101 -22.32 -20.68 14.18
C HIS C 101 -23.05 -21.30 15.37
N ASP C 102 -22.78 -20.83 16.59
CA ASP C 102 -23.56 -21.25 17.76
C ASP C 102 -25.06 -21.02 17.52
N PHE C 103 -25.39 -19.85 16.97
CA PHE C 103 -26.77 -19.49 16.70
C PHE C 103 -27.40 -20.37 15.60
N TYR C 104 -26.61 -20.66 14.57
CA TYR C 104 -26.99 -21.54 13.47
C TYR C 104 -27.38 -22.94 13.92
N TRP C 105 -26.54 -23.58 14.74
CA TRP C 105 -26.89 -24.93 15.22
C TRP C 105 -28.18 -24.95 16.05
N GLN C 106 -28.39 -23.91 16.87
CA GLN C 106 -29.62 -23.77 17.65
C GLN C 106 -30.83 -23.51 16.78
N SER C 107 -30.60 -22.94 15.58
CA SER C 107 -31.66 -22.59 14.63
C SER C 107 -32.18 -23.80 13.85
N MET C 108 -31.60 -24.97 14.12
CA MET C 108 -32.02 -26.19 13.44
C MET C 108 -32.34 -27.31 14.44
N LYS C 109 -33.15 -28.28 14.03
CA LYS C 109 -33.37 -29.49 14.84
C LYS C 109 -33.73 -30.71 13.99
N PRO C 110 -33.54 -31.92 14.54
CA PRO C 110 -34.14 -33.12 13.95
C PRO C 110 -35.66 -32.92 13.84
N ASN C 111 -36.25 -33.35 12.73
CA ASN C 111 -37.69 -33.19 12.49
C ASN C 111 -38.12 -31.72 12.58
N GLY C 112 -37.25 -30.84 12.10
CA GLY C 112 -37.52 -29.41 12.06
C GLY C 112 -38.21 -28.96 10.79
N GLY C 113 -38.16 -27.65 10.54
CA GLY C 113 -38.78 -27.00 9.39
C GLY C 113 -40.29 -27.14 9.44
N GLY C 114 -40.95 -26.97 8.29
CA GLY C 114 -42.39 -27.10 8.17
C GLY C 114 -43.12 -25.88 8.70
N ASN C 115 -44.41 -26.07 9.01
CA ASN C 115 -45.25 -24.98 9.49
C ASN C 115 -44.89 -24.55 10.91
N PRO C 116 -45.00 -23.23 11.20
CA PRO C 116 -44.69 -22.75 12.55
C PRO C 116 -45.75 -23.21 13.55
N PRO C 117 -45.42 -23.25 14.86
CA PRO C 117 -46.44 -23.69 15.80
C PRO C 117 -47.56 -22.66 15.90
N GLU C 118 -48.70 -23.11 16.43
CA GLU C 118 -49.91 -22.29 16.52
C GLU C 118 -49.59 -20.93 17.15
N LYS C 119 -48.81 -20.95 18.23
CA LYS C 119 -48.41 -19.74 18.95
C LYS C 119 -47.78 -18.65 18.08
N LEU C 120 -47.00 -19.07 17.07
CA LEU C 120 -46.25 -18.16 16.16
C LEU C 120 -46.98 -17.81 14.88
N ARG C 121 -48.01 -18.59 14.53
CA ARG C 121 -48.74 -18.39 13.27
C ARG C 121 -49.17 -16.94 12.97
N GLU C 122 -49.91 -16.33 13.90
CA GLU C 122 -50.47 -14.97 13.70
C GLU C 122 -49.39 -13.93 13.40
N MET C 123 -48.30 -13.97 14.17
CA MET C 123 -47.19 -13.05 13.96
C MET C 123 -46.55 -13.20 12.57
N ILE C 124 -46.34 -14.44 12.14
CA ILE C 124 -45.82 -14.74 10.81
C ILE C 124 -46.78 -14.25 9.72
N GLU C 125 -48.07 -14.50 9.89
CA GLU C 125 -49.05 -14.00 8.92
C GLU C 125 -49.11 -12.48 8.86
N HIS C 126 -49.09 -11.83 10.02
CA HIS C 126 -49.04 -10.39 10.11
C HIS C 126 -47.79 -9.83 9.43
N SER C 127 -46.63 -10.40 9.78
CA SER C 127 -45.37 -9.87 9.31
C SER C 127 -45.14 -10.12 7.80
N PHE C 128 -45.51 -11.30 7.30
CA PHE C 128 -45.16 -11.68 5.92
C PHE C 128 -46.32 -11.88 4.94
N GLY C 129 -47.56 -11.80 5.44
CA GLY C 129 -48.74 -12.01 4.61
C GLY C 129 -49.32 -13.40 4.83
N SER C 130 -48.43 -14.39 4.92
CA SER C 130 -48.77 -15.80 5.09
C SER C 130 -47.48 -16.59 5.35
N VAL C 131 -47.63 -17.87 5.69
CA VAL C 131 -46.47 -18.75 5.82
C VAL C 131 -45.68 -18.82 4.49
N GLU C 132 -46.39 -18.96 3.37
CA GLU C 132 -45.73 -18.96 2.05
C GLU C 132 -44.95 -17.64 1.86
N GLY C 133 -45.55 -16.53 2.29
CA GLY C 133 -44.89 -15.22 2.24
C GLY C 133 -43.55 -15.21 2.97
N PHE C 134 -43.46 -15.92 4.09
CA PHE C 134 -42.21 -16.01 4.83
C PHE C 134 -41.16 -16.84 4.06
N ASN C 135 -41.58 -17.97 3.49
CA ASN C 135 -40.69 -18.79 2.68
C ASN C 135 -40.09 -18.04 1.50
N ASN C 136 -40.93 -17.36 0.73
CA ASN C 136 -40.47 -16.52 -0.38
C ASN C 136 -39.48 -15.46 0.08
N ALA C 137 -39.78 -14.81 1.20
CA ALA C 137 -38.89 -13.81 1.78
C ALA C 137 -37.53 -14.39 2.21
N PHE C 138 -37.56 -15.53 2.90
CA PHE C 138 -36.33 -16.16 3.38
C PHE C 138 -35.50 -16.64 2.19
N THR C 139 -36.16 -17.21 1.18
CA THR C 139 -35.48 -17.73 -0.02
C THR C 139 -34.86 -16.60 -0.89
N THR C 140 -35.62 -15.53 -1.12
CA THR C 140 -35.10 -14.39 -1.89
C THR C 140 -33.87 -13.78 -1.21
N SER C 141 -33.96 -13.61 0.11
CA SER C 141 -32.85 -13.09 0.89
C SER C 141 -31.58 -13.98 0.80
N GLY C 142 -31.77 -15.30 0.84
CA GLY C 142 -30.62 -16.20 0.77
C GLY C 142 -29.92 -16.21 -0.58
N LEU C 143 -30.71 -16.05 -1.63
CA LEU C 143 -30.21 -16.08 -2.99
C LEU C 143 -29.61 -14.73 -3.37
N GLY C 144 -30.15 -13.68 -2.74
CA GLY C 144 -29.72 -12.32 -2.98
C GLY C 144 -28.43 -11.92 -2.26
N GLN C 145 -27.98 -12.71 -1.28
CA GLN C 145 -26.75 -12.37 -0.55
C GLN C 145 -25.57 -12.94 -1.33
N PHE C 146 -25.05 -12.13 -2.24
CA PHE C 146 -24.02 -12.57 -3.18
C PHE C 146 -22.70 -12.75 -2.43
N GLY C 147 -22.05 -13.89 -2.60
CA GLY C 147 -20.83 -14.16 -1.86
C GLY C 147 -21.15 -14.87 -0.54
N SER C 148 -20.41 -14.55 0.50
CA SER C 148 -20.53 -15.24 1.78
C SER C 148 -21.43 -14.49 2.75
N GLY C 149 -22.16 -15.20 3.59
CA GLY C 149 -22.95 -14.50 4.65
C GLY C 149 -24.04 -15.31 5.28
N TRP C 150 -25.09 -14.61 5.77
CA TRP C 150 -26.06 -15.19 6.69
C TRP C 150 -27.46 -14.63 6.38
N VAL C 151 -28.49 -15.45 6.56
CA VAL C 151 -29.86 -14.95 6.45
C VAL C 151 -30.45 -15.00 7.85
N TRP C 152 -31.18 -13.96 8.24
CA TRP C 152 -31.68 -13.87 9.62
C TRP C 152 -33.19 -13.68 9.64
N LEU C 153 -33.88 -14.42 10.52
CA LEU C 153 -35.21 -13.98 10.95
C LEU C 153 -34.99 -13.16 12.23
N VAL C 154 -35.53 -11.94 12.24
CA VAL C 154 -35.39 -11.01 13.37
C VAL C 154 -36.74 -10.41 13.80
N TYR C 155 -36.80 -9.94 15.05
CA TYR C 155 -37.88 -9.08 15.50
C TYR C 155 -37.38 -7.63 15.44
N ASP C 156 -38.10 -6.81 14.69
CA ASP C 156 -37.71 -5.41 14.50
C ASP C 156 -38.49 -4.57 15.51
N GLU C 157 -37.75 -3.90 16.39
CA GLU C 157 -38.38 -3.18 17.50
C GLU C 157 -39.24 -2.01 17.02
N ASP C 158 -38.74 -1.29 16.01
CA ASP C 158 -39.42 -0.12 15.46
C ASP C 158 -40.71 -0.56 14.73
N ALA C 159 -40.62 -1.54 13.84
CA ALA C 159 -41.79 -2.07 13.12
C ALA C 159 -42.79 -2.84 14.00
N LYS C 160 -42.35 -3.28 15.18
CA LYS C 160 -43.11 -4.22 16.01
C LYS C 160 -43.55 -5.44 15.18
N ALA C 161 -42.62 -6.02 14.44
CA ALA C 161 -42.96 -7.12 13.55
C ALA C 161 -41.71 -7.90 13.20
N LEU C 162 -41.90 -9.12 12.73
CA LEU C 162 -40.80 -9.96 12.23
C LEU C 162 -40.36 -9.45 10.87
N LYS C 163 -39.08 -9.66 10.55
CA LYS C 163 -38.47 -9.26 9.27
C LYS C 163 -37.43 -10.31 8.90
N VAL C 164 -37.14 -10.43 7.61
CA VAL C 164 -36.00 -11.22 7.13
C VAL C 164 -34.94 -10.25 6.62
N VAL C 165 -33.72 -10.36 7.16
CA VAL C 165 -32.58 -9.60 6.66
C VAL C 165 -31.40 -10.55 6.40
N SER C 166 -30.56 -10.19 5.46
CA SER C 166 -29.29 -10.90 5.25
C SER C 166 -28.11 -10.02 5.58
N THR C 167 -26.98 -10.64 5.88
CA THR C 167 -25.75 -9.91 6.15
C THR C 167 -24.60 -10.55 5.38
N ALA C 168 -23.52 -9.79 5.22
CA ALA C 168 -22.29 -10.26 4.58
C ALA C 168 -21.27 -10.80 5.57
N ASN C 169 -20.63 -11.90 5.18
CA ASN C 169 -19.42 -12.38 5.84
C ASN C 169 -19.71 -12.80 7.31
N ALA C 170 -19.30 -11.98 8.28
CA ALA C 170 -19.47 -12.27 9.71
C ALA C 170 -20.46 -11.28 10.36
N ASP C 171 -20.97 -10.31 9.58
CA ASP C 171 -21.95 -9.33 10.12
C ASP C 171 -23.21 -10.04 10.60
N SER C 172 -23.87 -9.46 11.59
CA SER C 172 -25.07 -10.05 12.20
C SER C 172 -25.90 -8.93 12.84
N PRO C 173 -27.16 -9.25 13.23
CA PRO C 173 -28.03 -8.29 13.90
C PRO C 173 -27.45 -7.75 15.23
N LEU C 174 -26.42 -8.39 15.80
CA LEU C 174 -25.78 -7.81 17.01
C LEU C 174 -25.27 -6.39 16.76
N LEU C 175 -25.01 -6.08 15.49
CA LEU C 175 -24.45 -4.80 15.10
C LEU C 175 -25.52 -3.73 14.83
N THR C 176 -26.80 -4.09 14.93
CA THR C 176 -27.88 -3.16 14.59
C THR C 176 -28.81 -3.01 15.77
N GLN C 177 -28.99 -1.77 16.23
CA GLN C 177 -29.90 -1.49 17.34
C GLN C 177 -31.35 -1.75 16.91
N GLY C 178 -32.16 -2.27 17.84
CA GLY C 178 -33.59 -2.50 17.60
C GLY C 178 -33.90 -3.68 16.69
N GLN C 179 -32.99 -4.65 16.65
CA GLN C 179 -33.16 -5.79 15.76
C GLN C 179 -32.70 -7.04 16.52
N LEU C 180 -33.66 -7.84 16.96
CA LEU C 180 -33.37 -8.99 17.79
C LEU C 180 -33.32 -10.24 16.90
N PRO C 181 -32.16 -10.94 16.88
CA PRO C 181 -32.03 -12.12 16.04
C PRO C 181 -32.83 -13.25 16.65
N LEU C 182 -33.48 -14.04 15.79
CA LEU C 182 -34.33 -15.14 16.24
C LEU C 182 -33.90 -16.48 15.66
N ALA C 183 -33.39 -16.47 14.42
CA ALA C 183 -32.87 -17.68 13.77
C ALA C 183 -31.96 -17.27 12.62
N THR C 184 -31.02 -18.14 12.28
CA THR C 184 -30.14 -17.88 11.14
C THR C 184 -29.90 -19.10 10.28
N MET C 185 -29.68 -18.84 8.99
CA MET C 185 -29.23 -19.82 8.02
C MET C 185 -27.92 -19.29 7.39
N ASP C 186 -26.85 -20.08 7.54
CA ASP C 186 -25.52 -19.83 6.98
C ASP C 186 -25.62 -19.97 5.46
N VAL C 187 -25.19 -18.94 4.71
CA VAL C 187 -25.09 -19.08 3.25
C VAL C 187 -23.65 -18.98 2.70
N TRP C 188 -22.65 -19.02 3.58
CA TRP C 188 -21.29 -19.31 3.11
C TRP C 188 -21.34 -20.62 2.32
N GLU C 189 -20.56 -20.72 1.24
CA GLU C 189 -20.65 -21.93 0.41
C GLU C 189 -20.37 -23.22 1.21
N HIS C 190 -19.44 -23.18 2.17
CA HIS C 190 -19.12 -24.38 2.99
C HIS C 190 -20.29 -24.96 3.80
N ALA C 191 -21.31 -24.13 4.03
CA ALA C 191 -22.52 -24.57 4.72
C ALA C 191 -23.27 -25.64 3.94
N TYR C 192 -23.12 -25.65 2.61
CA TYR C 192 -23.90 -26.58 1.79
C TYR C 192 -23.13 -27.36 0.74
N TYR C 193 -21.92 -26.91 0.42
CA TYR C 193 -21.21 -27.38 -0.78
C TYR C 193 -21.05 -28.89 -0.91
N LEU C 194 -20.62 -29.55 0.17
CA LEU C 194 -20.34 -31.01 0.10
C LEU C 194 -21.57 -31.85 -0.32
N ASP C 195 -22.77 -31.38 0.08
CA ASP C 195 -24.03 -32.06 -0.23
C ASP C 195 -24.78 -31.51 -1.46
N TYR C 196 -24.78 -30.19 -1.63
CA TYR C 196 -25.63 -29.48 -2.61
C TYR C 196 -24.83 -28.81 -3.74
N LEU C 197 -23.50 -28.87 -3.63
CA LEU C 197 -22.61 -28.28 -4.63
C LEU C 197 -23.03 -26.82 -4.83
N ASN C 198 -23.16 -26.37 -6.08
CA ASN C 198 -23.48 -24.98 -6.34
C ASN C 198 -24.98 -24.63 -6.25
N LEU C 199 -25.81 -25.59 -5.85
CA LEU C 199 -27.26 -25.40 -5.83
C LEU C 199 -27.72 -24.85 -4.48
N ARG C 200 -27.42 -23.57 -4.24
CA ARG C 200 -27.76 -22.92 -2.98
C ARG C 200 -29.29 -22.96 -2.77
N LYS C 201 -30.03 -22.86 -3.87
CA LYS C 201 -31.50 -22.93 -3.85
C LYS C 201 -32.03 -24.21 -3.20
N LYS C 202 -31.45 -25.36 -3.57
CA LYS C 202 -31.88 -26.66 -3.02
C LYS C 202 -31.62 -26.70 -1.52
N TYR C 203 -30.46 -26.21 -1.09
CA TYR C 203 -30.14 -26.13 0.35
C TYR C 203 -31.12 -25.25 1.13
N ILE C 204 -31.47 -24.07 0.61
CA ILE C 204 -32.43 -23.18 1.29
C ILE C 204 -33.80 -23.86 1.40
N ASP C 205 -34.19 -24.54 0.32
CA ASP C 205 -35.46 -25.30 0.32
C ASP C 205 -35.46 -26.34 1.44
N VAL C 206 -34.36 -27.09 1.55
CA VAL C 206 -34.25 -28.12 2.57
C VAL C 206 -34.25 -27.54 3.99
N PHE C 207 -33.53 -26.45 4.18
CA PHE C 207 -33.54 -25.71 5.43
C PHE C 207 -34.97 -25.36 5.89
N LEU C 208 -35.75 -24.73 5.01
CA LEU C 208 -37.12 -24.31 5.37
C LEU C 208 -38.07 -25.50 5.58
N GLU C 209 -37.92 -26.53 4.76
CA GLU C 209 -38.82 -27.67 4.79
C GLU C 209 -38.54 -28.60 5.95
N HIS C 210 -37.26 -28.74 6.30
CA HIS C 210 -36.83 -29.87 7.11
C HIS C 210 -35.98 -29.55 8.35
N LEU C 211 -35.46 -28.31 8.45
CA LEU C 211 -34.44 -28.03 9.47
C LEU C 211 -34.80 -26.92 10.44
N LEU C 212 -35.34 -25.82 9.94
CA LEU C 212 -35.57 -24.63 10.77
C LEU C 212 -36.27 -24.96 12.10
N ASN C 213 -35.67 -24.53 13.20
CA ASN C 213 -36.19 -24.82 14.54
C ASN C 213 -37.13 -23.71 15.03
N TRP C 214 -38.43 -23.89 14.83
CA TRP C 214 -39.43 -22.92 15.30
C TRP C 214 -39.50 -22.81 16.82
N ASP C 215 -39.17 -23.87 17.53
CA ASP C 215 -39.13 -23.82 19.01
C ASP C 215 -38.10 -22.79 19.51
N PHE C 216 -36.97 -22.66 18.79
CA PHE C 216 -35.89 -21.73 19.19
C PHE C 216 -36.38 -20.31 18.98
N VAL C 217 -37.01 -20.09 17.84
CA VAL C 217 -37.61 -18.81 17.48
C VAL C 217 -38.62 -18.36 18.51
N LEU C 218 -39.58 -19.24 18.82
CA LEU C 218 -40.63 -18.91 19.80
C LEU C 218 -40.03 -18.65 21.18
N GLY C 219 -39.02 -19.43 21.54
CA GLY C 219 -38.35 -19.26 22.83
C GLY C 219 -37.67 -17.92 22.96
N ARG C 220 -36.97 -17.50 21.90
CA ARG C 220 -36.32 -16.19 21.89
C ARG C 220 -37.37 -15.06 22.05
N LEU C 221 -38.52 -15.22 21.40
CA LEU C 221 -39.59 -14.23 21.46
C LEU C 221 -40.24 -14.17 22.85
N GLU C 222 -40.47 -15.34 23.44
CA GLU C 222 -40.96 -15.46 24.84
C GLU C 222 -39.97 -14.82 25.83
N ASP C 223 -38.70 -15.25 25.78
CA ASP C 223 -37.65 -14.66 26.62
C ASP C 223 -37.64 -13.13 26.57
N ALA C 224 -37.85 -12.58 25.38
CA ALA C 224 -37.79 -11.14 25.17
C ALA C 224 -39.07 -10.41 25.59
N GLY C 225 -40.10 -11.16 25.96
CA GLY C 225 -41.36 -10.58 26.36
C GLY C 225 -42.27 -10.18 25.22
N VAL C 226 -41.88 -10.54 23.98
CA VAL C 226 -42.70 -10.23 22.80
C VAL C 226 -43.93 -11.16 22.69
N LEU C 227 -43.75 -12.46 22.98
CA LEU C 227 -44.88 -13.39 23.01
C LEU C 227 -45.03 -14.09 24.36
N MET D 22 0.72 2.39 19.71
CA MET D 22 1.11 3.41 18.68
C MET D 22 2.55 3.92 18.80
N PHE D 23 3.09 4.40 17.68
CA PHE D 23 4.41 5.03 17.65
C PHE D 23 4.28 6.41 18.26
N GLU D 24 5.38 6.89 18.85
CA GLU D 24 5.38 8.14 19.62
C GLU D 24 6.58 8.99 19.25
N LEU D 25 6.41 10.31 19.44
CA LEU D 25 7.53 11.23 19.42
C LEU D 25 8.12 11.20 20.82
N SER D 26 9.26 10.53 20.99
CA SER D 26 9.94 10.49 22.28
C SER D 26 10.49 11.85 22.72
N ASP D 27 10.50 12.13 24.02
CA ASP D 27 11.06 13.38 24.56
C ASP D 27 12.53 13.56 24.14
N LEU D 28 12.94 14.80 23.89
CA LEU D 28 14.35 15.15 23.72
C LEU D 28 15.10 14.92 25.03
N PRO D 29 16.43 14.65 24.97
CA PRO D 29 17.15 14.43 26.23
C PRO D 29 17.58 15.74 26.93
N TYR D 30 17.17 16.87 26.38
CA TYR D 30 17.58 18.20 26.85
C TYR D 30 16.52 19.22 26.42
N GLU D 31 16.59 20.41 27.02
CA GLU D 31 15.71 21.52 26.68
C GLU D 31 16.06 22.21 25.36
N GLY D 32 17.34 22.27 25.05
CA GLY D 32 17.82 22.97 23.86
C GLY D 32 19.31 22.78 23.66
N LEU D 33 19.80 23.25 22.52
CA LEU D 33 21.21 23.11 22.16
C LEU D 33 21.78 24.47 21.71
N GLU D 34 21.20 25.55 22.23
CA GLU D 34 21.59 26.92 21.87
CA GLU D 34 21.60 26.92 21.87
C GLU D 34 23.01 27.22 22.37
N PRO D 35 23.78 28.06 21.63
CA PRO D 35 23.51 28.77 20.37
C PRO D 35 23.89 27.99 19.10
N TYR D 36 24.32 26.73 19.25
CA TYR D 36 24.76 25.87 18.15
C TYR D 36 23.61 25.43 17.19
N ILE D 37 22.49 25.06 17.81
CA ILE D 37 21.23 24.85 17.10
CA ILE D 37 21.21 24.83 17.13
C ILE D 37 20.23 25.82 17.75
N SER D 38 19.73 26.74 16.95
CA SER D 38 18.79 27.74 17.46
C SER D 38 17.49 27.10 17.94
N SER D 39 16.84 27.77 18.87
CA SER D 39 15.53 27.37 19.34
C SER D 39 14.51 27.18 18.18
N HIS D 40 14.59 28.04 17.15
CA HIS D 40 13.68 27.96 16.00
C HIS D 40 13.98 26.71 15.16
N LEU D 41 15.26 26.44 14.93
CA LEU D 41 15.69 25.24 14.19
C LEU D 41 15.32 23.97 14.93
N LEU D 42 15.68 23.87 16.21
CA LEU D 42 15.30 22.68 17.00
C LEU D 42 13.79 22.48 16.96
N ASP D 43 13.02 23.54 17.17
CA ASP D 43 11.55 23.38 17.15
C ASP D 43 11.06 22.82 15.81
N ARG D 44 11.50 23.40 14.70
CA ARG D 44 11.10 22.94 13.38
C ARG D 44 11.56 21.48 13.10
N HIS D 45 12.79 21.15 13.50
CA HIS D 45 13.33 19.84 13.15
C HIS D 45 12.59 18.73 13.94
N TYR D 46 12.35 18.99 15.22
CA TYR D 46 11.72 18.04 16.14
C TYR D 46 10.19 18.05 16.03
N ASN D 47 9.55 19.20 16.21
CA ASN D 47 8.07 19.28 16.18
C ASN D 47 7.47 19.35 14.77
N GLY D 48 8.32 19.64 13.79
CA GLY D 48 7.93 19.66 12.40
C GLY D 48 8.28 18.32 11.77
N HIS D 49 9.54 18.14 11.38
CA HIS D 49 9.95 16.92 10.64
C HIS D 49 9.78 15.59 11.39
N HIS D 50 10.33 15.51 12.59
CA HIS D 50 10.37 14.27 13.34
C HIS D 50 8.95 13.87 13.71
N LYS D 51 8.15 14.85 14.16
CA LYS D 51 6.77 14.60 14.51
C LYS D 51 5.99 14.10 13.31
N THR D 52 6.21 14.72 12.15
CA THR D 52 5.54 14.27 10.93
C THR D 52 5.76 12.79 10.62
N TYR D 53 7.03 12.33 10.65
CA TYR D 53 7.34 10.91 10.48
C TYR D 53 6.49 10.01 11.40
N VAL D 54 6.34 10.39 12.66
CA VAL D 54 5.49 9.64 13.62
C VAL D 54 4.02 9.60 13.20
N ASP D 55 3.43 10.76 12.93
CA ASP D 55 2.02 10.87 12.54
C ASP D 55 1.73 10.07 11.28
N VAL D 56 2.64 10.17 10.30
CA VAL D 56 2.49 9.46 9.01
C VAL D 56 2.62 7.94 9.14
N LEU D 57 3.59 7.47 9.93
CA LEU D 57 3.71 6.03 10.15
C LEU D 57 2.46 5.46 10.82
N ASN D 58 1.87 6.22 11.75
CA ASN D 58 0.67 5.70 12.43
C ASN D 58 -0.50 5.48 11.46
N LYS D 59 -0.60 6.36 10.47
CA LYS D 59 -1.56 6.24 9.37
C LYS D 59 -1.23 5.05 8.44
N LEU D 60 0.03 4.94 8.01
CA LEU D 60 0.44 3.90 7.06
C LEU D 60 0.32 2.46 7.57
N VAL D 61 0.53 2.26 8.87
CA VAL D 61 0.54 0.89 9.43
C VAL D 61 -0.86 0.28 9.58
N VAL D 62 -1.89 1.13 9.61
CA VAL D 62 -3.31 0.72 9.68
C VAL D 62 -3.61 -0.31 8.61
N GLY D 63 -4.08 -1.49 9.05
CA GLY D 63 -4.44 -2.57 8.15
C GLY D 63 -3.30 -3.48 7.72
N THR D 64 -2.07 -3.19 8.16
CA THR D 64 -0.92 -4.04 7.80
C THR D 64 -0.47 -4.93 8.97
N GLU D 65 0.51 -5.79 8.71
CA GLU D 65 1.09 -6.64 9.76
C GLU D 65 1.77 -5.85 10.90
N PHE D 66 1.95 -4.54 10.69
CA PHE D 66 2.65 -3.67 11.64
C PHE D 66 1.73 -2.86 12.56
N GLU D 67 0.41 -2.94 12.32
CA GLU D 67 -0.55 -2.25 13.20
C GLU D 67 -0.40 -2.73 14.65
N GLY D 68 -0.47 -1.78 15.58
CA GLY D 68 -0.46 -2.09 17.01
C GLY D 68 0.91 -2.21 17.64
N LEU D 69 1.96 -2.04 16.85
CA LEU D 69 3.32 -2.09 17.37
C LEU D 69 3.73 -0.69 17.83
N GLY D 70 4.79 -0.64 18.63
CA GLY D 70 5.28 0.61 19.20
C GLY D 70 6.71 0.89 18.85
N ASN D 71 7.27 1.93 19.46
CA ASN D 71 8.64 2.38 19.19
C ASN D 71 9.72 1.33 19.41
N GLU D 72 9.45 0.37 20.31
CA GLU D 72 10.39 -0.72 20.58
C GLU D 72 10.63 -1.59 19.34
N SER D 73 9.66 -1.61 18.42
CA SER D 73 9.73 -2.47 17.23
C SER D 73 10.28 -1.79 15.97
N LEU D 74 10.65 -0.51 16.05
CA LEU D 74 11.06 0.25 14.87
C LEU D 74 12.20 -0.42 14.07
N GLY D 75 13.25 -0.85 14.77
CA GLY D 75 14.38 -1.51 14.12
C GLY D 75 13.99 -2.73 13.30
N ASP D 76 13.13 -3.57 13.86
CA ASP D 76 12.64 -4.74 13.15
C ASP D 76 11.75 -4.35 11.95
N ILE D 77 10.88 -3.36 12.16
CA ILE D 77 10.05 -2.83 11.08
C ILE D 77 10.93 -2.32 9.92
N VAL D 78 11.98 -1.56 10.26
CA VAL D 78 12.86 -0.99 9.23
C VAL D 78 13.40 -2.08 8.31
N VAL D 79 13.95 -3.14 8.92
CA VAL D 79 14.54 -4.26 8.18
C VAL D 79 13.50 -4.98 7.30
N LYS D 80 12.37 -5.38 7.91
CA LYS D 80 11.29 -6.05 7.18
C LYS D 80 10.71 -5.24 6.02
N ALA D 81 10.37 -3.97 6.26
CA ALA D 81 9.88 -3.08 5.22
C ALA D 81 10.92 -2.87 4.14
N HIS D 82 12.18 -2.67 4.52
CA HIS D 82 13.25 -2.52 3.53
C HIS D 82 13.38 -3.76 2.61
N ASN D 83 13.20 -4.95 3.17
CA ASN D 83 13.27 -6.18 2.40
C ASN D 83 12.03 -6.42 1.52
N SER D 84 11.04 -5.52 1.61
CA SER D 84 9.78 -5.66 0.89
C SER D 84 9.69 -4.83 -0.39
N GLY D 85 10.80 -4.19 -0.76
CA GLY D 85 10.86 -3.43 -2.00
C GLY D 85 9.87 -2.28 -2.02
N SER D 86 9.35 -2.00 -3.21
CA SER D 86 8.41 -0.92 -3.40
C SER D 86 7.16 -1.01 -2.51
N ALA D 87 6.72 -2.24 -2.21
CA ALA D 87 5.56 -2.47 -1.34
C ALA D 87 5.78 -1.92 0.07
N GLY D 88 7.01 -2.03 0.56
CA GLY D 88 7.34 -1.59 1.89
C GLY D 88 8.01 -0.22 1.94
N ARG D 89 8.18 0.45 0.80
CA ARG D 89 9.03 1.68 0.77
C ARG D 89 8.54 2.82 1.68
N ALA D 90 7.25 3.12 1.66
CA ALA D 90 6.72 4.25 2.45
C ALA D 90 6.83 4.01 3.96
N ILE D 91 6.51 2.79 4.39
CA ILE D 91 6.68 2.38 5.78
C ILE D 91 8.17 2.38 6.18
N PHE D 92 9.03 1.91 5.28
CA PHE D 92 10.46 1.94 5.54
C PHE D 92 10.96 3.38 5.71
N ASN D 93 10.56 4.26 4.80
CA ASN D 93 11.07 5.63 4.84
C ASN D 93 10.71 6.24 6.21
N ASN D 94 9.44 6.13 6.58
CA ASN D 94 8.95 6.71 7.80
C ASN D 94 9.47 6.05 9.09
N ALA D 95 9.43 4.71 9.16
CA ALA D 95 9.98 4.02 10.33
C ALA D 95 11.47 4.32 10.52
N ALA D 96 12.24 4.22 9.43
CA ALA D 96 13.66 4.52 9.48
C ALA D 96 13.94 5.96 9.97
N GLN D 97 13.20 6.93 9.45
CA GLN D 97 13.46 8.33 9.81
C GLN D 97 13.12 8.62 11.28
N ILE D 98 12.12 7.92 11.83
CA ILE D 98 11.84 8.04 13.28
C ILE D 98 13.05 7.52 14.04
N TRP D 99 13.51 6.31 13.67
CA TRP D 99 14.66 5.68 14.33
C TRP D 99 15.90 6.57 14.24
N ASN D 100 16.20 7.04 13.02
CA ASN D 100 17.34 7.89 12.75
C ASN D 100 17.34 9.17 13.58
N HIS D 101 16.18 9.81 13.68
CA HIS D 101 16.05 11.05 14.45
C HIS D 101 16.19 10.81 15.95
N ASP D 102 15.56 9.76 16.48
CA ASP D 102 15.79 9.39 17.88
C ASP D 102 17.30 9.23 18.15
N PHE D 103 18.01 8.64 17.21
CA PHE D 103 19.42 8.35 17.38
C PHE D 103 20.27 9.63 17.34
N TYR D 104 19.89 10.54 16.45
CA TYR D 104 20.48 11.86 16.30
C TYR D 104 20.40 12.70 17.59
N TRP D 105 19.20 12.79 18.17
CA TRP D 105 19.03 13.55 19.42
C TRP D 105 19.92 13.00 20.53
N GLN D 106 20.01 11.68 20.62
CA GLN D 106 20.92 11.04 21.57
C GLN D 106 22.41 11.31 21.25
N SER D 107 22.68 11.55 19.97
CA SER D 107 24.06 11.75 19.51
C SER D 107 24.61 13.18 19.81
N MET D 108 23.80 14.01 20.45
CA MET D 108 24.22 15.37 20.81
C MET D 108 23.93 15.62 22.29
N LYS D 109 24.56 16.64 22.87
CA LYS D 109 24.26 17.08 24.25
C LYS D 109 24.70 18.54 24.45
N PRO D 110 24.13 19.24 25.45
CA PRO D 110 24.72 20.50 25.86
C PRO D 110 26.17 20.31 26.32
N ASN D 111 27.04 21.26 25.97
CA ASN D 111 28.49 21.18 26.25
C ASN D 111 29.10 19.88 25.70
N GLY D 112 28.63 19.47 24.52
CA GLY D 112 29.17 18.30 23.85
C GLY D 112 30.27 18.70 22.90
N GLY D 113 30.65 17.77 22.02
CA GLY D 113 31.69 18.04 21.03
C GLY D 113 33.07 17.87 21.66
N GLY D 114 34.09 18.22 20.89
CA GLY D 114 35.47 18.23 21.35
C GLY D 114 36.12 16.85 21.43
N ASN D 115 37.06 16.71 22.36
CA ASN D 115 37.88 15.53 22.44
C ASN D 115 37.16 14.35 23.12
N PRO D 116 37.45 13.12 22.66
CA PRO D 116 36.78 11.96 23.24
C PRO D 116 37.33 11.67 24.63
N PRO D 117 36.54 10.97 25.47
CA PRO D 117 37.06 10.61 26.78
C PRO D 117 38.20 9.60 26.67
N GLU D 118 39.05 9.56 27.71
CA GLU D 118 40.22 8.66 27.77
C GLU D 118 39.95 7.19 27.37
N LYS D 119 38.83 6.63 27.83
CA LYS D 119 38.48 5.24 27.52
C LYS D 119 38.30 4.95 26.01
N LEU D 120 38.07 6.00 25.22
CA LEU D 120 37.93 5.89 23.77
C LEU D 120 39.19 6.20 22.96
N ARG D 121 40.21 6.78 23.60
CA ARG D 121 41.38 7.30 22.88
C ARG D 121 42.11 6.24 22.05
N GLU D 122 42.30 5.04 22.61
CA GLU D 122 43.04 3.97 21.92
C GLU D 122 42.32 3.50 20.65
N MET D 123 41.01 3.31 20.74
CA MET D 123 40.25 2.84 19.59
C MET D 123 40.21 3.92 18.50
N ILE D 124 40.10 5.18 18.90
CA ILE D 124 40.08 6.29 17.94
C ILE D 124 41.44 6.42 17.24
N GLU D 125 42.51 6.28 18.00
CA GLU D 125 43.85 6.34 17.41
C GLU D 125 44.11 5.17 16.48
N HIS D 126 43.70 3.97 16.89
CA HIS D 126 43.85 2.78 16.05
C HIS D 126 43.15 2.89 14.69
N SER D 127 41.89 3.33 14.70
CA SER D 127 41.13 3.35 13.44
C SER D 127 41.27 4.62 12.63
N PHE D 128 41.61 5.73 13.28
CA PHE D 128 41.73 7.01 12.54
C PHE D 128 43.10 7.68 12.60
N GLY D 129 44.03 7.13 13.37
CA GLY D 129 45.37 7.72 13.49
C GLY D 129 45.48 8.70 14.65
N SER D 130 44.49 9.57 14.75
CA SER D 130 44.41 10.57 15.81
C SER D 130 42.99 11.13 15.88
N VAL D 131 42.75 11.96 16.89
CA VAL D 131 41.50 12.69 17.02
C VAL D 131 41.25 13.58 15.81
N GLU D 132 42.29 14.27 15.33
CA GLU D 132 42.19 15.09 14.11
C GLU D 132 41.78 14.22 12.91
N GLY D 133 42.29 12.98 12.89
CA GLY D 133 42.01 12.03 11.81
C GLY D 133 40.53 11.66 11.77
N PHE D 134 39.95 11.49 12.96
CA PHE D 134 38.50 11.24 13.07
C PHE D 134 37.71 12.45 12.57
N ASN D 135 38.07 13.64 13.06
N ASN D 135 38.09 13.62 13.07
CA ASN D 135 37.46 14.88 12.61
CA ASN D 135 37.48 14.88 12.65
C ASN D 135 37.47 15.00 11.10
C ASN D 135 37.49 15.05 11.13
N ASN D 136 38.64 14.79 10.49
CA ASN D 136 38.72 14.81 9.02
C ASN D 136 37.78 13.79 8.32
N ALA D 137 37.75 12.57 8.84
CA ALA D 137 36.93 11.52 8.23
C ALA D 137 35.42 11.87 8.34
N PHE D 138 34.99 12.33 9.51
CA PHE D 138 33.58 12.67 9.72
C PHE D 138 33.15 13.81 8.80
N THR D 139 33.99 14.84 8.71
CA THR D 139 33.77 16.02 7.86
C THR D 139 33.76 15.66 6.38
N THR D 140 34.75 14.86 5.94
CA THR D 140 34.79 14.41 4.55
C THR D 140 33.53 13.63 4.17
N SER D 141 33.10 12.73 5.05
CA SER D 141 31.89 11.96 4.83
C SER D 141 30.66 12.88 4.72
N GLY D 142 30.54 13.83 5.65
CA GLY D 142 29.43 14.78 5.67
C GLY D 142 29.34 15.62 4.42
N LEU D 143 30.48 16.16 3.99
CA LEU D 143 30.55 16.96 2.78
C LEU D 143 30.38 16.17 1.47
N GLY D 144 30.74 14.89 1.49
CA GLY D 144 30.68 14.03 0.27
C GLY D 144 29.33 13.37 0.00
N GLN D 145 28.42 13.42 0.98
CA GLN D 145 27.12 12.81 0.79
C GLN D 145 26.26 13.77 -0.01
N PHE D 146 26.06 13.46 -1.29
CA PHE D 146 25.32 14.33 -2.19
C PHE D 146 23.80 14.16 -1.93
N GLY D 147 23.09 15.29 -1.72
CA GLY D 147 21.66 15.24 -1.49
C GLY D 147 21.39 15.04 -0.01
N SER D 148 20.28 14.40 0.31
CA SER D 148 19.87 14.18 1.71
C SER D 148 20.48 12.92 2.28
N GLY D 149 20.81 12.92 3.57
CA GLY D 149 21.34 11.71 4.19
C GLY D 149 21.88 11.87 5.61
N TRP D 150 22.74 10.93 6.01
CA TRP D 150 23.20 10.83 7.39
C TRP D 150 24.68 10.47 7.37
N VAL D 151 25.42 10.93 8.38
CA VAL D 151 26.78 10.46 8.64
C VAL D 151 26.77 9.63 9.94
N TRP D 152 27.46 8.49 9.93
CA TRP D 152 27.49 7.58 11.09
C TRP D 152 28.90 7.31 11.57
N LEU D 153 29.09 7.33 12.88
CA LEU D 153 30.23 6.64 13.48
C LEU D 153 29.72 5.23 13.83
N VAL D 154 30.44 4.21 13.37
CA VAL D 154 29.99 2.81 13.58
C VAL D 154 31.12 1.95 14.14
N TYR D 155 30.77 0.84 14.78
CA TYR D 155 31.78 -0.18 15.05
C TYR D 155 31.60 -1.26 14.00
N ASP D 156 32.71 -1.56 13.30
CA ASP D 156 32.71 -2.56 12.25
C ASP D 156 33.21 -3.91 12.80
N GLU D 157 32.29 -4.87 12.92
CA GLU D 157 32.54 -6.17 13.54
C GLU D 157 33.58 -7.02 12.80
N ASP D 158 33.58 -6.97 11.47
CA ASP D 158 34.58 -7.67 10.66
C ASP D 158 36.00 -7.06 10.78
N ALA D 159 36.10 -5.72 10.78
CA ALA D 159 37.40 -5.03 10.90
C ALA D 159 37.92 -4.91 12.34
N LYS D 160 37.02 -5.10 13.30
CA LYS D 160 37.28 -4.82 14.72
C LYS D 160 37.82 -3.41 14.96
N ALA D 161 37.15 -2.42 14.38
CA ALA D 161 37.57 -1.02 14.45
C ALA D 161 36.39 -0.10 14.19
N LEU D 162 36.53 1.14 14.67
CA LEU D 162 35.60 2.23 14.36
C LEU D 162 35.75 2.64 12.89
N LYS D 163 34.62 2.99 12.27
CA LYS D 163 34.60 3.50 10.91
C LYS D 163 33.62 4.66 10.81
N VAL D 164 33.87 5.58 9.88
CA VAL D 164 32.86 6.57 9.49
C VAL D 164 32.30 6.16 8.13
N VAL D 165 30.97 6.16 8.00
CA VAL D 165 30.26 5.87 6.75
C VAL D 165 29.06 6.84 6.63
N SER D 166 28.71 7.20 5.40
CA SER D 166 27.52 8.00 5.18
C SER D 166 26.44 7.14 4.51
N THR D 167 25.18 7.54 4.66
CA THR D 167 24.06 6.94 3.95
C THR D 167 23.16 7.99 3.28
N ALA D 168 22.41 7.54 2.27
CA ALA D 168 21.43 8.38 1.56
C ALA D 168 20.04 8.30 2.20
N ASN D 169 19.35 9.44 2.24
CA ASN D 169 17.91 9.50 2.54
C ASN D 169 17.59 8.90 3.90
N ALA D 170 16.93 7.74 3.96
CA ALA D 170 16.60 7.15 5.26
C ALA D 170 17.47 5.94 5.63
N ASP D 171 18.43 5.60 4.76
CA ASP D 171 19.30 4.45 4.95
C ASP D 171 20.14 4.63 6.24
N SER D 172 20.49 3.51 6.87
CA SER D 172 21.20 3.51 8.14
C SER D 172 21.95 2.18 8.24
N PRO D 173 22.92 2.07 9.19
CA PRO D 173 23.60 0.82 9.51
C PRO D 173 22.68 -0.34 9.94
N LEU D 174 21.42 -0.05 10.31
CA LEU D 174 20.47 -1.15 10.55
C LEU D 174 20.40 -2.10 9.35
N LEU D 175 20.72 -1.58 8.16
CA LEU D 175 20.60 -2.33 6.90
C LEU D 175 21.84 -3.18 6.55
N THR D 176 22.93 -3.01 7.31
CA THR D 176 24.21 -3.66 7.02
C THR D 176 24.67 -4.57 8.17
N GLN D 177 24.74 -5.88 7.93
CA GLN D 177 25.24 -6.82 8.95
C GLN D 177 26.68 -6.48 9.38
N GLY D 178 26.97 -6.67 10.66
CA GLY D 178 28.31 -6.44 11.20
C GLY D 178 28.67 -4.98 11.36
N GLN D 179 27.66 -4.11 11.40
CA GLN D 179 27.93 -2.68 11.51
C GLN D 179 27.03 -2.13 12.62
N LEU D 180 27.65 -1.83 13.75
CA LEU D 180 26.95 -1.35 14.94
C LEU D 180 26.95 0.20 14.97
N PRO D 181 25.76 0.83 14.88
CA PRO D 181 25.81 2.30 14.91
C PRO D 181 26.06 2.88 16.30
N LEU D 182 26.76 4.01 16.36
CA LEU D 182 27.21 4.60 17.64
C LEU D 182 26.80 6.03 17.80
N ALA D 183 26.85 6.79 16.70
CA ALA D 183 26.36 8.17 16.70
C ALA D 183 26.06 8.58 15.26
N THR D 184 25.15 9.54 15.11
CA THR D 184 24.82 10.06 13.79
C THR D 184 24.68 11.59 13.74
N MET D 185 25.01 12.13 12.57
CA MET D 185 24.82 13.54 12.21
C MET D 185 23.91 13.61 10.99
N ASP D 186 22.75 14.22 11.17
CA ASP D 186 21.78 14.42 10.09
C ASP D 186 22.36 15.44 9.10
N VAL D 187 22.39 15.11 7.80
CA VAL D 187 22.81 16.13 6.80
C VAL D 187 21.75 16.40 5.74
N TRP D 188 20.53 15.92 5.95
CA TRP D 188 19.39 16.56 5.23
C TRP D 188 19.50 18.06 5.42
N GLU D 189 19.18 18.83 4.38
CA GLU D 189 19.30 20.30 4.46
C GLU D 189 18.47 20.91 5.60
N HIS D 190 17.29 20.35 5.86
CA HIS D 190 16.48 20.86 7.00
C HIS D 190 17.18 20.79 8.36
N ALA D 191 18.22 19.97 8.47
CA ALA D 191 18.89 19.81 9.75
C ALA D 191 19.70 21.07 10.12
N TYR D 192 20.03 21.87 9.11
CA TYR D 192 20.94 22.98 9.33
C TYR D 192 20.54 24.31 8.68
N TYR D 193 19.63 24.28 7.71
CA TYR D 193 19.49 25.42 6.81
C TYR D 193 19.09 26.73 7.52
N LEU D 194 18.17 26.64 8.48
CA LEU D 194 17.68 27.86 9.13
C LEU D 194 18.81 28.61 9.82
N ASP D 195 19.81 27.88 10.31
CA ASP D 195 20.93 28.49 11.01
C ASP D 195 22.16 28.70 10.14
N TYR D 196 22.39 27.80 9.19
CA TYR D 196 23.67 27.81 8.48
C TYR D 196 23.52 27.98 6.98
N LEU D 197 22.26 28.07 6.49
CA LEU D 197 21.97 28.25 5.08
C LEU D 197 22.64 27.13 4.28
N ASN D 198 23.28 27.46 3.15
CA ASN D 198 23.92 26.41 2.36
C ASN D 198 25.31 26.00 2.85
N LEU D 199 25.75 26.57 3.98
CA LEU D 199 27.09 26.27 4.49
C LEU D 199 27.13 25.00 5.33
N ARG D 200 26.97 23.85 4.69
CA ARG D 200 26.95 22.57 5.40
C ARG D 200 28.22 22.36 6.22
N LYS D 201 29.36 22.78 5.68
CA LYS D 201 30.65 22.68 6.35
C LYS D 201 30.65 23.40 7.71
N LYS D 202 30.06 24.60 7.79
CA LYS D 202 30.02 25.30 9.10
C LYS D 202 29.24 24.47 10.12
N TYR D 203 28.11 23.90 9.70
CA TYR D 203 27.29 23.03 10.58
C TYR D 203 28.05 21.80 11.07
N ILE D 204 28.79 21.12 10.19
CA ILE D 204 29.54 19.90 10.58
C ILE D 204 30.65 20.29 11.59
N ASP D 205 31.30 21.43 11.36
CA ASP D 205 32.32 21.96 12.26
C ASP D 205 31.74 22.19 13.66
N VAL D 206 30.56 22.81 13.72
CA VAL D 206 29.87 23.04 14.97
C VAL D 206 29.45 21.72 15.66
N PHE D 207 28.91 20.77 14.88
CA PHE D 207 28.56 19.46 15.41
C PHE D 207 29.75 18.83 16.13
N LEU D 208 30.90 18.80 15.45
CA LEU D 208 32.11 18.19 15.99
C LEU D 208 32.77 18.97 17.16
N GLU D 209 32.70 20.30 17.11
CA GLU D 209 33.31 21.13 18.14
C GLU D 209 32.47 21.23 19.41
N HIS D 210 31.15 21.21 19.23
CA HIS D 210 30.25 21.62 20.29
C HIS D 210 29.09 20.68 20.62
N LEU D 211 28.76 19.72 19.75
CA LEU D 211 27.51 18.94 19.95
C LEU D 211 27.67 17.43 20.16
N LEU D 212 28.59 16.79 19.43
CA LEU D 212 28.70 15.31 19.47
C LEU D 212 28.81 14.76 20.88
N ASN D 213 27.96 13.77 21.19
CA ASN D 213 27.85 13.17 22.52
C ASN D 213 28.68 11.89 22.62
N TRP D 214 29.88 12.05 23.15
CA TRP D 214 30.81 10.93 23.29
C TRP D 214 30.36 9.93 24.36
N ASP D 215 29.65 10.40 25.38
CA ASP D 215 29.05 9.51 26.40
C ASP D 215 28.09 8.48 25.79
N PHE D 216 27.33 8.90 24.77
CA PHE D 216 26.43 8.00 24.05
C PHE D 216 27.22 6.94 23.23
N VAL D 217 28.26 7.39 22.55
CA VAL D 217 29.17 6.51 21.79
C VAL D 217 29.80 5.48 22.75
N LEU D 218 30.40 5.96 23.84
CA LEU D 218 31.07 5.09 24.81
C LEU D 218 30.08 4.10 25.46
N GLY D 219 28.88 4.59 25.77
CA GLY D 219 27.80 3.76 26.29
C GLY D 219 27.39 2.64 25.35
N ARG D 220 27.25 2.96 24.06
CA ARG D 220 26.88 1.99 23.03
C ARG D 220 27.92 0.85 22.93
N LEU D 221 29.19 1.23 23.04
CA LEU D 221 30.29 0.30 22.94
C LEU D 221 30.36 -0.60 24.17
N GLU D 222 30.15 -0.01 25.34
CA GLU D 222 30.10 -0.76 26.61
C GLU D 222 28.93 -1.76 26.61
N ASP D 223 27.74 -1.30 26.22
CA ASP D 223 26.57 -2.18 26.07
C ASP D 223 26.83 -3.36 25.13
N ALA D 224 27.58 -3.14 24.06
CA ALA D 224 27.82 -4.20 23.08
C ALA D 224 28.90 -5.19 23.52
N GLY D 225 29.61 -4.87 24.60
CA GLY D 225 30.70 -5.72 25.10
C GLY D 225 32.04 -5.46 24.43
N VAL D 226 32.12 -4.42 23.61
CA VAL D 226 33.36 -4.04 22.92
C VAL D 226 34.36 -3.37 23.87
N LEU D 227 33.87 -2.53 24.77
CA LEU D 227 34.72 -1.84 25.73
C LEU D 227 34.22 -2.04 27.15
#